data_6H2N
#
_entry.id   6H2N
#
_cell.length_a   43.850
_cell.length_b   95.270
_cell.length_c   130.220
_cell.angle_alpha   90.00
_cell.angle_beta   93.49
_cell.angle_gamma   90.00
#
_symmetry.space_group_name_H-M   'P 1 21 1'
#
loop_
_entity.id
_entity.type
_entity.pdbx_description
1 polymer 'Probable ss-1,3-N-acetylglucosaminyltransferase'
2 non-polymer URIDINE-DIPHOSPHATE-N-ACETYLGLUCOSAMINE
3 non-polymer 'MAGNESIUM ION'
4 non-polymer 'CHLORIDE ION'
5 non-polymer GLYCEROL
6 water water
#
_entity_poly.entity_id   1
_entity_poly.type   'polypeptide(L)'
_entity_poly.pdbx_seq_one_letter_code
;MRGSHHHHHHGSLVPRGSMKKVSVIMPTFNNGEKLHRTISSVLNQTMKSTDYELIIIDDHSNDNGETLNVIKKYKGLVRF
KQLKKNSGNASVPRNTGLKMSKAEYVFFLDSDDLLHERALEDLYNYGKENNSDLIIGKYGVEGKGRSVPKAIFEKGNVAK
ADIIDNSIFYALSVLKMFKKSVIDKNKIKFKTFSKTAEDQLFTIEFLMNSKNYSIKTDYEYYIVVNDFESSNHLSVNKST
GNQYFATINEIYKAIYKSPIYKNQEKRHQLAGKYTTRLLRHGQKKNFANSKMKYEDKIEWLNNFSKTINKVPRDSDKYVT
QIFNLKLEAIRQNDLLAVMIADKLL
;
_entity_poly.pdbx_strand_id   A,B,C
#
loop_
_chem_comp.id
_chem_comp.type
_chem_comp.name
_chem_comp.formula
CL non-polymer 'CHLORIDE ION' 'Cl -1'
GOL non-polymer GLYCEROL 'C3 H8 O3'
MG non-polymer 'MAGNESIUM ION' 'Mg 2'
UD1 non-polymer URIDINE-DIPHOSPHATE-N-ACETYLGLUCOSAMINE 'C17 H27 N3 O17 P2'
#
# COMPACT_ATOMS: atom_id res chain seq x y z
N MET A 19 -41.30 44.97 13.06
CA MET A 19 -40.34 43.91 12.63
C MET A 19 -39.54 44.39 11.41
N LYS A 20 -38.23 44.61 11.62
CA LYS A 20 -37.32 45.02 10.55
C LYS A 20 -37.13 43.87 9.55
N LYS A 21 -36.64 44.23 8.36
CA LYS A 21 -36.44 43.28 7.26
C LYS A 21 -35.22 42.41 7.57
N VAL A 22 -34.05 43.06 7.72
CA VAL A 22 -32.78 42.34 7.92
C VAL A 22 -32.06 42.86 9.16
N SER A 23 -31.56 41.92 9.96
CA SER A 23 -30.66 42.17 11.07
C SER A 23 -29.25 41.73 10.69
N VAL A 24 -28.35 42.66 10.38
CA VAL A 24 -26.95 42.35 10.16
C VAL A 24 -26.26 42.14 11.52
N ILE A 25 -25.90 40.88 11.83
CA ILE A 25 -25.24 40.48 13.08
C ILE A 25 -23.74 40.38 12.83
N MET A 26 -22.97 41.32 13.39
CA MET A 26 -21.52 41.40 13.16
C MET A 26 -20.76 41.31 14.48
N PRO A 27 -20.09 40.16 14.76
CA PRO A 27 -19.16 40.05 15.87
C PRO A 27 -17.84 40.78 15.59
N THR A 28 -17.28 41.45 16.61
CA THR A 28 -16.02 42.18 16.48
C THR A 28 -15.04 41.71 17.56
N PHE A 29 -13.74 41.84 17.25
CA PHE A 29 -12.67 41.50 18.18
C PHE A 29 -11.33 42.07 17.68
N ASN A 30 -10.89 43.16 18.30
CA ASN A 30 -9.56 43.76 18.08
C ASN A 30 -9.38 44.07 16.58
N ASN A 31 -10.34 44.81 15.99
CA ASN A 31 -10.35 45.10 14.56
C ASN A 31 -9.58 46.40 14.27
N GLY A 32 -9.84 47.43 15.08
CA GLY A 32 -9.14 48.71 14.99
C GLY A 32 -9.80 49.67 14.01
N GLU A 33 -8.95 50.47 13.34
CA GLU A 33 -9.38 51.59 12.51
C GLU A 33 -9.81 51.08 11.12
N LYS A 34 -9.51 49.82 10.82
CA LYS A 34 -9.85 49.18 9.55
C LYS A 34 -11.31 48.73 9.55
N LEU A 35 -11.96 48.76 10.73
CA LEU A 35 -13.36 48.33 10.91
C LEU A 35 -14.32 49.35 10.28
N HIS A 36 -13.90 50.61 10.14
CA HIS A 36 -14.73 51.70 9.57
C HIS A 36 -15.32 51.27 8.22
N ARG A 37 -14.43 50.82 7.32
CA ARG A 37 -14.80 50.32 5.98
C ARG A 37 -16.04 49.43 6.06
N THR A 38 -15.96 48.38 6.89
CA THR A 38 -17.02 47.38 7.04
C THR A 38 -18.33 48.03 7.47
N ILE A 39 -18.28 48.88 8.50
CA ILE A 39 -19.49 49.46 9.09
C ILE A 39 -20.24 50.26 8.02
N SER A 40 -19.51 51.13 7.31
CA SER A 40 -20.14 52.01 6.33
C SER A 40 -20.74 51.19 5.18
N SER A 41 -20.14 50.02 4.84
CA SER A 41 -20.70 49.15 3.80
C SER A 41 -22.11 48.69 4.18
N VAL A 42 -22.38 48.52 5.48
CA VAL A 42 -23.72 48.16 5.95
C VAL A 42 -24.62 49.40 5.99
N LEU A 43 -24.09 50.54 6.42
CA LEU A 43 -24.92 51.74 6.60
C LEU A 43 -25.19 52.45 5.26
N ASN A 44 -24.46 52.05 4.20
CA ASN A 44 -24.62 52.62 2.86
C ASN A 44 -25.30 51.60 1.93
N GLN A 45 -26.27 50.83 2.45
CA GLN A 45 -27.04 49.88 1.66
C GLN A 45 -28.08 50.64 0.85
N THR A 46 -28.55 50.03 -0.24
CA THR A 46 -29.61 50.62 -1.06
C THR A 46 -30.98 50.40 -0.38
N MET A 47 -31.07 49.42 0.52
CA MET A 47 -32.31 49.16 1.25
C MET A 47 -32.62 50.36 2.16
N LYS A 48 -33.92 50.61 2.36
CA LYS A 48 -34.42 51.70 3.20
C LYS A 48 -33.71 51.62 4.57
N SER A 49 -33.15 52.75 5.03
CA SER A 49 -32.32 52.81 6.23
C SER A 49 -33.05 52.21 7.45
N THR A 50 -34.36 52.43 7.54
CA THR A 50 -35.18 52.04 8.69
C THR A 50 -35.64 50.58 8.57
N ASP A 51 -35.36 49.92 7.46
CA ASP A 51 -35.80 48.53 7.24
C ASP A 51 -34.75 47.51 7.73
N TYR A 52 -33.53 47.96 8.01
CA TYR A 52 -32.51 47.05 8.53
C TYR A 52 -31.76 47.67 9.72
N GLU A 53 -31.03 46.81 10.44
CA GLU A 53 -30.30 47.16 11.62
C GLU A 53 -28.98 46.40 11.66
N LEU A 54 -27.91 47.10 12.03
CA LEU A 54 -26.61 46.50 12.28
C LEU A 54 -26.46 46.28 13.79
N ILE A 55 -26.47 45.00 14.18
CA ILE A 55 -26.17 44.58 15.53
C ILE A 55 -24.68 44.24 15.60
N ILE A 56 -23.94 45.03 16.38
CA ILE A 56 -22.53 44.77 16.62
C ILE A 56 -22.40 44.11 18.00
N ILE A 57 -21.74 42.95 18.04
CA ILE A 57 -21.48 42.28 19.31
C ILE A 57 -19.97 42.07 19.46
N ASP A 58 -19.36 42.95 20.26
CA ASP A 58 -17.94 42.90 20.56
C ASP A 58 -17.66 41.73 21.50
N ASP A 59 -16.63 40.93 21.18
CA ASP A 59 -16.29 39.77 21.99
C ASP A 59 -15.26 40.16 23.05
N HIS A 60 -15.59 41.18 23.85
CA HIS A 60 -14.72 41.69 24.89
C HIS A 60 -13.33 41.92 24.27
N SER A 61 -13.29 42.86 23.33
CA SER A 61 -12.05 43.37 22.72
C SER A 61 -11.08 43.81 23.82
N ASN A 62 -9.78 43.55 23.62
CA ASN A 62 -8.72 43.84 24.60
C ASN A 62 -7.55 44.59 23.94
N ASP A 63 -7.85 45.43 22.94
CA ASP A 63 -6.82 46.17 22.17
C ASP A 63 -6.73 47.63 22.64
N ASN A 64 -6.66 47.84 23.96
CA ASN A 64 -6.45 49.17 24.55
C ASN A 64 -7.46 50.19 24.01
N GLY A 65 -8.73 49.78 23.83
CA GLY A 65 -9.83 50.70 23.49
C GLY A 65 -9.98 50.99 22.00
N GLU A 66 -9.00 50.58 21.19
CA GLU A 66 -8.91 50.91 19.76
C GLU A 66 -10.22 50.53 19.04
N THR A 67 -10.67 49.28 19.24
CA THR A 67 -11.88 48.78 18.60
C THR A 67 -13.12 49.47 19.19
N LEU A 68 -13.18 49.59 20.52
CA LEU A 68 -14.31 50.25 21.21
C LEU A 68 -14.51 51.68 20.66
N ASN A 69 -13.39 52.39 20.44
CA ASN A 69 -13.44 53.78 19.98
C ASN A 69 -14.06 53.86 18.58
N VAL A 70 -13.89 52.81 17.76
CA VAL A 70 -14.45 52.79 16.40
C VAL A 70 -15.97 52.61 16.48
N ILE A 71 -16.43 51.66 17.29
CA ILE A 71 -17.87 51.39 17.46
C ILE A 71 -18.59 52.63 18.00
N LYS A 72 -17.98 53.33 18.97
CA LYS A 72 -18.62 54.44 19.68
C LYS A 72 -19.06 55.55 18.71
N LYS A 73 -18.31 55.71 17.60
CA LYS A 73 -18.56 56.77 16.62
C LYS A 73 -19.84 56.49 15.81
N TYR A 74 -20.46 55.31 16.00
CA TYR A 74 -21.72 55.00 15.29
C TYR A 74 -22.89 55.01 16.28
N LYS A 75 -22.65 55.51 17.49
CA LYS A 75 -23.66 55.60 18.54
C LYS A 75 -24.90 56.28 17.94
N GLY A 76 -26.05 55.62 18.08
CA GLY A 76 -27.30 56.09 17.55
C GLY A 76 -27.67 55.42 16.23
N LEU A 77 -26.70 54.80 15.54
CA LEU A 77 -26.92 54.23 14.20
C LEU A 77 -26.85 52.69 14.23
N VAL A 78 -26.26 52.12 15.29
CA VAL A 78 -26.09 50.68 15.45
C VAL A 78 -26.59 50.27 16.83
N ARG A 79 -26.84 48.98 17.01
CA ARG A 79 -27.03 48.40 18.33
C ARG A 79 -25.72 47.71 18.74
N PHE A 80 -25.32 47.83 20.01
CA PHE A 80 -24.09 47.18 20.48
C PHE A 80 -24.30 46.57 21.87
N LYS A 81 -23.97 45.28 21.98
CA LYS A 81 -23.81 44.54 23.24
C LYS A 81 -22.36 44.05 23.31
N GLN A 82 -21.78 44.08 24.51
CA GLN A 82 -20.44 43.62 24.71
C GLN A 82 -20.50 42.49 25.74
N LEU A 83 -19.79 41.41 25.43
CA LEU A 83 -19.67 40.27 26.32
C LEU A 83 -18.68 40.62 27.44
N LYS A 84 -18.93 40.08 28.64
CA LYS A 84 -18.11 40.36 29.84
C LYS A 84 -16.69 39.82 29.61
N LYS A 85 -16.58 38.67 28.95
CA LYS A 85 -15.31 38.01 28.68
C LYS A 85 -15.28 37.45 27.24
N ASN A 86 -14.06 37.38 26.69
CA ASN A 86 -13.81 36.85 25.36
C ASN A 86 -14.24 35.38 25.28
N SER A 87 -15.15 35.08 24.34
CA SER A 87 -15.65 33.72 24.09
C SER A 87 -14.62 32.92 23.30
N GLY A 88 -13.86 33.59 22.42
CA GLY A 88 -12.76 32.96 21.69
C GLY A 88 -13.03 32.78 20.20
N ASN A 89 -14.30 32.92 19.80
CA ASN A 89 -14.69 32.84 18.40
C ASN A 89 -16.10 33.45 18.26
N ALA A 90 -16.66 33.36 17.04
CA ALA A 90 -17.82 34.15 16.68
C ALA A 90 -19.12 33.52 17.22
N SER A 91 -19.06 32.29 17.72
CA SER A 91 -20.27 31.53 18.09
C SER A 91 -21.14 32.30 19.09
N VAL A 92 -20.65 32.48 20.33
CA VAL A 92 -21.43 33.05 21.43
C VAL A 92 -21.94 34.44 21.05
N PRO A 93 -21.09 35.33 20.52
CA PRO A 93 -21.56 36.61 20.00
C PRO A 93 -22.75 36.41 19.03
N ARG A 94 -22.61 35.51 18.05
CA ARG A 94 -23.66 35.32 17.08
C ARG A 94 -24.96 34.87 17.77
N ASN A 95 -24.84 34.00 18.79
CA ASN A 95 -26.01 33.55 19.54
C ASN A 95 -26.65 34.73 20.30
N THR A 96 -25.80 35.65 20.78
CA THR A 96 -26.26 36.89 21.41
C THR A 96 -27.04 37.74 20.40
N GLY A 97 -26.48 37.88 19.20
CA GLY A 97 -27.13 38.61 18.12
C GLY A 97 -28.47 38.02 17.74
N LEU A 98 -28.57 36.69 17.75
CA LEU A 98 -29.82 36.01 17.39
C LEU A 98 -30.91 36.36 18.41
N LYS A 99 -30.57 36.33 19.71
CA LYS A 99 -31.57 36.52 20.76
C LYS A 99 -32.07 37.97 20.72
N MET A 100 -31.17 38.92 20.46
CA MET A 100 -31.52 40.35 20.36
C MET A 100 -32.43 40.59 19.16
N SER A 101 -32.08 40.04 17.98
CA SER A 101 -32.80 40.32 16.72
C SER A 101 -34.22 39.72 16.77
N LYS A 102 -35.19 40.52 16.31
CA LYS A 102 -36.59 40.16 16.21
C LYS A 102 -37.04 40.34 14.75
N ALA A 103 -36.09 40.29 13.81
CA ALA A 103 -36.32 40.65 12.38
C ALA A 103 -36.80 39.44 11.58
N GLU A 104 -37.14 39.69 10.32
CA GLU A 104 -37.64 38.65 9.43
C GLU A 104 -36.50 37.70 9.04
N TYR A 105 -35.38 38.26 8.59
CA TYR A 105 -34.19 37.57 8.19
C TYR A 105 -33.00 38.10 9.00
N VAL A 106 -32.00 37.24 9.22
CA VAL A 106 -30.72 37.65 9.77
C VAL A 106 -29.65 37.45 8.68
N PHE A 107 -28.66 38.33 8.65
CA PHE A 107 -27.48 38.17 7.80
C PHE A 107 -26.24 38.28 8.68
N PHE A 108 -25.46 37.20 8.76
CA PHE A 108 -24.22 37.19 9.52
C PHE A 108 -23.10 37.84 8.69
N LEU A 109 -22.41 38.83 9.28
CA LEU A 109 -21.31 39.55 8.64
C LEU A 109 -20.06 39.55 9.55
N ASP A 110 -18.95 38.96 9.08
CA ASP A 110 -17.65 39.00 9.78
C ASP A 110 -17.09 40.42 9.69
N SER A 111 -16.29 40.81 10.68
CA SER A 111 -15.94 42.21 10.99
C SER A 111 -14.86 42.80 10.07
N ASP A 112 -14.26 41.99 9.18
CA ASP A 112 -13.25 42.48 8.23
C ASP A 112 -13.81 42.51 6.79
N ASP A 113 -15.00 41.91 6.58
CA ASP A 113 -15.61 41.71 5.26
C ASP A 113 -16.42 42.96 4.88
N LEU A 114 -16.94 42.99 3.66
CA LEU A 114 -17.69 44.11 3.12
C LEU A 114 -18.96 43.60 2.42
N LEU A 115 -20.04 44.37 2.53
CA LEU A 115 -21.25 44.15 1.74
C LEU A 115 -21.25 45.09 0.53
N HIS A 116 -21.56 44.53 -0.64
CA HIS A 116 -21.98 45.31 -1.80
C HIS A 116 -23.21 46.15 -1.40
N GLU A 117 -23.32 47.37 -1.93
CA GLU A 117 -24.36 48.32 -1.47
C GLU A 117 -25.77 47.78 -1.73
N ARG A 118 -25.92 46.91 -2.73
CA ARG A 118 -27.27 46.37 -3.07
C ARG A 118 -27.46 44.99 -2.44
N ALA A 119 -26.62 44.63 -1.47
CA ALA A 119 -26.65 43.28 -0.85
C ALA A 119 -27.98 42.96 -0.15
N LEU A 120 -28.36 43.73 0.86
CA LEU A 120 -29.54 43.39 1.67
C LEU A 120 -30.83 43.47 0.84
N GLU A 121 -30.94 44.48 -0.02
CA GLU A 121 -32.16 44.73 -0.82
C GLU A 121 -32.38 43.59 -1.83
N ASP A 122 -31.33 43.26 -2.60
CA ASP A 122 -31.43 42.29 -3.69
C ASP A 122 -31.69 40.88 -3.12
N LEU A 123 -30.97 40.51 -2.05
CA LEU A 123 -31.14 39.18 -1.43
C LEU A 123 -32.53 39.09 -0.77
N TYR A 124 -32.92 40.15 -0.05
CA TYR A 124 -34.21 40.13 0.63
C TYR A 124 -35.36 40.04 -0.39
N ASN A 125 -35.37 40.94 -1.38
CA ASN A 125 -36.43 40.93 -2.42
C ASN A 125 -36.48 39.54 -3.10
N TYR A 126 -35.31 38.98 -3.43
CA TYR A 126 -35.29 37.70 -4.12
C TYR A 126 -35.88 36.62 -3.21
N GLY A 127 -35.53 36.72 -1.92
CA GLY A 127 -35.98 35.79 -0.90
C GLY A 127 -37.48 35.90 -0.65
N LYS A 128 -37.99 37.12 -0.56
CA LYS A 128 -39.41 37.33 -0.33
C LYS A 128 -40.18 36.86 -1.56
N GLU A 129 -39.63 37.13 -2.76
CA GLU A 129 -40.23 36.73 -4.05
C GLU A 129 -40.41 35.21 -4.10
N ASN A 130 -39.48 34.46 -3.50
CA ASN A 130 -39.43 33.02 -3.69
C ASN A 130 -39.68 32.28 -2.36
N ASN A 131 -40.24 32.96 -1.37
CA ASN A 131 -40.55 32.38 -0.05
C ASN A 131 -39.34 31.59 0.49
N SER A 132 -38.14 32.19 0.39
CA SER A 132 -36.87 31.53 0.75
C SER A 132 -36.65 31.54 2.26
N ASP A 133 -36.16 30.40 2.78
CA ASP A 133 -35.69 30.24 4.15
C ASP A 133 -34.22 30.68 4.22
N LEU A 134 -33.52 30.58 3.09
CA LEU A 134 -32.09 30.84 2.98
C LEU A 134 -31.81 31.51 1.63
N ILE A 135 -31.05 32.61 1.62
CA ILE A 135 -30.60 33.24 0.38
C ILE A 135 -29.07 33.42 0.43
N ILE A 136 -28.40 32.92 -0.62
CA ILE A 136 -26.95 32.95 -0.71
C ILE A 136 -26.53 33.91 -1.84
N GLY A 137 -25.83 35.00 -1.47
CA GLY A 137 -25.21 35.93 -2.42
C GLY A 137 -23.80 35.51 -2.80
N LYS A 138 -23.46 35.70 -4.07
CA LYS A 138 -22.13 35.40 -4.60
C LYS A 138 -21.05 36.16 -3.83
N TYR A 139 -19.96 35.45 -3.51
CA TYR A 139 -18.83 35.98 -2.75
C TYR A 139 -17.78 36.57 -3.70
N GLY A 140 -17.22 37.73 -3.34
CA GLY A 140 -16.03 38.32 -3.98
C GLY A 140 -14.82 38.24 -3.04
N VAL A 141 -13.66 38.79 -3.46
CA VAL A 141 -12.40 38.72 -2.64
C VAL A 141 -11.53 39.99 -2.81
N GLU A 142 -10.93 40.41 -1.69
CA GLU A 142 -9.79 41.33 -1.67
C GLU A 142 -8.59 40.53 -1.11
N GLY A 143 -7.44 40.65 -1.79
CA GLY A 143 -6.18 39.99 -1.37
C GLY A 143 -5.72 38.90 -2.34
N LYS A 144 -4.64 38.21 -1.93
CA LYS A 144 -3.83 37.32 -2.79
C LYS A 144 -4.37 35.88 -2.72
N VAL A 148 -13.31 31.36 -1.71
CA VAL A 148 -14.78 31.38 -1.61
C VAL A 148 -15.33 30.30 -2.54
N PRO A 149 -16.50 29.69 -2.22
CA PRO A 149 -17.15 28.73 -3.09
C PRO A 149 -17.39 29.31 -4.50
N LYS A 150 -17.38 28.41 -5.47
CA LYS A 150 -17.41 28.74 -6.89
C LYS A 150 -18.62 28.04 -7.52
N ALA A 151 -18.71 26.71 -7.38
CA ALA A 151 -19.66 25.86 -8.16
C ALA A 151 -21.11 26.29 -7.94
N ILE A 152 -21.45 26.68 -6.71
CA ILE A 152 -22.82 27.02 -6.32
C ILE A 152 -23.36 28.19 -7.16
N PHE A 153 -22.48 29.07 -7.66
CA PHE A 153 -22.90 30.29 -8.36
C PHE A 153 -22.74 30.21 -9.89
N GLU A 154 -22.37 29.04 -10.43
CA GLU A 154 -21.99 28.93 -11.85
C GLU A 154 -23.22 28.85 -12.78
N LYS A 155 -24.43 28.71 -12.23
CA LYS A 155 -25.66 28.57 -13.01
C LYS A 155 -26.50 29.85 -12.95
N GLY A 156 -25.95 30.90 -12.34
CA GLY A 156 -26.70 32.10 -12.09
C GLY A 156 -27.68 31.90 -10.95
N ASN A 157 -28.72 32.73 -10.95
CA ASN A 157 -29.70 32.76 -9.88
C ASN A 157 -30.49 31.46 -9.91
N VAL A 158 -30.71 30.87 -8.73
CA VAL A 158 -31.55 29.71 -8.57
C VAL A 158 -32.60 30.01 -7.51
N ALA A 159 -33.87 29.87 -7.89
CA ALA A 159 -34.99 30.27 -7.05
C ALA A 159 -35.16 29.24 -5.92
N LYS A 160 -35.18 27.96 -6.29
CA LYS A 160 -35.36 26.84 -5.39
C LYS A 160 -34.23 25.82 -5.64
N ALA A 161 -33.15 25.95 -4.87
CA ALA A 161 -31.94 25.18 -5.09
C ALA A 161 -32.07 23.82 -4.42
N ASP A 162 -31.19 22.92 -4.85
CA ASP A 162 -31.02 21.58 -4.33
C ASP A 162 -29.62 21.47 -3.71
N ILE A 163 -29.55 20.91 -2.51
CA ILE A 163 -28.27 20.81 -1.77
C ILE A 163 -27.20 20.17 -2.68
N ILE A 164 -27.54 19.05 -3.33
CA ILE A 164 -26.56 18.31 -4.10
C ILE A 164 -26.28 19.00 -5.44
N ASP A 165 -27.33 19.27 -6.22
CA ASP A 165 -27.19 19.79 -7.57
C ASP A 165 -26.47 21.16 -7.57
N ASN A 166 -26.75 22.01 -6.57
CA ASN A 166 -26.17 23.35 -6.53
C ASN A 166 -25.00 23.45 -5.54
N SER A 167 -24.45 22.29 -5.11
CA SER A 167 -23.16 22.22 -4.43
C SER A 167 -23.13 23.00 -3.13
N ILE A 168 -24.20 22.89 -2.32
CA ILE A 168 -24.40 23.70 -1.14
C ILE A 168 -23.49 23.21 0.00
N PHE A 169 -23.12 21.93 0.00
CA PHE A 169 -22.19 21.39 1.00
C PHE A 169 -20.80 21.98 0.82
N TYR A 170 -20.52 22.62 -0.32
CA TYR A 170 -19.22 23.27 -0.61
C TYR A 170 -19.26 24.78 -0.29
N ALA A 171 -20.38 25.26 0.26
CA ALA A 171 -20.54 26.67 0.63
C ALA A 171 -21.35 26.75 1.93
N LEU A 172 -20.77 26.25 3.01
CA LEU A 172 -21.51 26.04 4.26
C LEU A 172 -21.22 27.15 5.30
N SER A 173 -20.56 28.25 4.91
CA SER A 173 -20.39 29.39 5.83
C SER A 173 -21.77 30.02 6.11
N VAL A 174 -21.88 30.72 7.23
CA VAL A 174 -23.17 31.35 7.63
C VAL A 174 -23.25 32.79 7.10
N LEU A 175 -22.41 33.12 6.11
CA LEU A 175 -22.35 34.47 5.56
C LEU A 175 -23.42 34.59 4.45
N LYS A 176 -24.67 34.46 4.93
CA LYS A 176 -25.84 34.26 4.11
C LYS A 176 -27.04 34.87 4.84
N MET A 177 -28.17 34.95 4.12
CA MET A 177 -29.38 35.52 4.67
C MET A 177 -30.29 34.38 5.15
N PHE A 178 -30.51 34.30 6.45
CA PHE A 178 -31.24 33.20 7.07
C PHE A 178 -32.56 33.71 7.62
N LYS A 179 -33.65 32.97 7.35
CA LYS A 179 -34.97 33.27 7.91
C LYS A 179 -35.00 32.97 9.41
N LYS A 180 -35.42 33.96 10.20
CA LYS A 180 -35.30 33.93 11.65
C LYS A 180 -36.26 32.90 12.25
N SER A 181 -37.47 32.75 11.71
CA SER A 181 -38.50 31.87 12.30
C SER A 181 -38.05 30.41 12.32
N VAL A 182 -37.29 30.00 11.28
CA VAL A 182 -36.72 28.67 11.18
C VAL A 182 -35.83 28.44 12.40
N ILE A 183 -34.96 29.42 12.64
CA ILE A 183 -33.97 29.42 13.72
C ILE A 183 -34.69 29.35 15.07
N ASP A 184 -35.72 30.17 15.27
CA ASP A 184 -36.41 30.28 16.57
C ASP A 184 -37.19 29.01 16.87
N LYS A 185 -37.90 28.49 15.85
CA LYS A 185 -38.86 27.41 16.04
C LYS A 185 -38.11 26.13 16.41
N ASN A 186 -36.95 25.92 15.78
CA ASN A 186 -36.17 24.71 15.88
C ASN A 186 -35.00 24.91 16.86
N LYS A 187 -34.91 26.10 17.46
CA LYS A 187 -33.93 26.37 18.49
C LYS A 187 -32.53 26.07 17.96
N ILE A 188 -32.27 26.55 16.74
CA ILE A 188 -30.97 26.40 16.13
C ILE A 188 -30.06 27.42 16.81
N LYS A 189 -29.06 26.91 17.52
CA LYS A 189 -28.04 27.70 18.19
C LYS A 189 -26.67 27.26 17.69
N PHE A 190 -25.72 28.20 17.68
CA PHE A 190 -24.33 27.87 17.42
C PHE A 190 -23.76 27.12 18.63
N LYS A 191 -22.99 26.05 18.37
CA LYS A 191 -22.38 25.27 19.43
C LYS A 191 -21.10 25.99 19.89
N THR A 192 -20.84 25.88 21.20
CA THR A 192 -19.77 26.58 21.87
C THR A 192 -18.56 25.64 22.04
N PHE A 193 -18.80 24.33 21.96
CA PHE A 193 -17.84 23.32 22.42
C PHE A 193 -16.87 22.90 21.30
N SER A 194 -16.89 23.59 20.16
CA SER A 194 -15.99 23.27 19.04
C SER A 194 -15.51 24.56 18.36
N LYS A 195 -14.17 24.67 18.25
CA LYS A 195 -13.50 25.82 17.68
C LYS A 195 -13.46 25.68 16.15
N THR A 196 -13.87 24.51 15.63
CA THR A 196 -13.86 24.23 14.21
C THR A 196 -15.21 23.63 13.78
N ALA A 197 -15.64 24.01 12.57
CA ALA A 197 -16.76 23.39 11.83
C ALA A 197 -18.11 23.68 12.49
N GLU A 198 -18.12 24.60 13.46
CA GLU A 198 -19.33 24.98 14.15
C GLU A 198 -20.27 25.73 13.18
N ASP A 199 -19.67 26.45 12.21
CA ASP A 199 -20.45 27.21 11.24
C ASP A 199 -21.18 26.20 10.32
N GLN A 200 -20.42 25.22 9.81
CA GLN A 200 -20.98 24.16 8.96
C GLN A 200 -22.22 23.55 9.62
N LEU A 201 -22.10 23.23 10.91
CA LEU A 201 -23.15 22.54 11.63
C LEU A 201 -24.39 23.44 11.69
N PHE A 202 -24.17 24.74 11.93
CA PHE A 202 -25.29 25.70 11.95
C PHE A 202 -26.06 25.61 10.62
N THR A 203 -25.33 25.79 9.52
CA THR A 203 -25.91 25.82 8.17
C THR A 203 -26.67 24.52 7.90
N ILE A 204 -26.07 23.37 8.29
CA ILE A 204 -26.60 22.05 8.02
C ILE A 204 -27.88 21.81 8.82
N GLU A 205 -27.87 22.17 10.11
CA GLU A 205 -29.07 22.06 10.95
C GLU A 205 -30.20 22.88 10.30
N PHE A 206 -29.86 24.10 9.86
CA PHE A 206 -30.78 24.98 9.13
C PHE A 206 -31.29 24.28 7.86
N LEU A 207 -30.37 23.78 7.02
CA LEU A 207 -30.73 23.10 5.76
C LEU A 207 -31.66 21.90 6.04
N MET A 208 -31.40 21.16 7.13
CA MET A 208 -32.16 19.92 7.41
C MET A 208 -33.52 20.22 8.07
N ASN A 209 -33.79 21.50 8.36
CA ASN A 209 -35.02 21.94 9.01
C ASN A 209 -35.71 23.04 8.19
N SER A 210 -35.40 23.12 6.88
CA SER A 210 -35.96 24.12 5.94
C SER A 210 -35.98 23.56 4.51
N LYS A 211 -36.78 24.15 3.63
CA LYS A 211 -37.00 23.54 2.30
C LYS A 211 -36.64 24.47 1.13
N ASN A 212 -36.69 25.79 1.30
CA ASN A 212 -36.52 26.72 0.19
C ASN A 212 -35.18 27.44 0.33
N TYR A 213 -34.28 27.22 -0.62
CA TYR A 213 -32.96 27.87 -0.62
C TYR A 213 -32.78 28.58 -1.97
N SER A 214 -32.28 29.82 -1.93
CA SER A 214 -32.11 30.61 -3.14
C SER A 214 -30.67 31.09 -3.29
N ILE A 215 -30.26 31.23 -4.55
CA ILE A 215 -28.92 31.66 -4.91
C ILE A 215 -29.05 32.90 -5.80
N LYS A 216 -28.26 33.94 -5.50
CA LYS A 216 -28.32 35.22 -6.20
C LYS A 216 -26.91 35.65 -6.60
N THR A 217 -26.71 35.99 -7.89
CA THR A 217 -25.36 36.07 -8.44
C THR A 217 -25.11 37.32 -9.28
N ASP A 218 -26.05 38.27 -9.31
CA ASP A 218 -25.97 39.43 -10.19
C ASP A 218 -24.69 40.23 -9.95
N TYR A 219 -24.27 40.31 -8.67
CA TYR A 219 -23.05 40.99 -8.25
C TYR A 219 -22.34 40.13 -7.22
N GLU A 220 -21.05 40.41 -7.00
CA GLU A 220 -20.33 39.94 -5.82
C GLU A 220 -20.87 40.71 -4.59
N TYR A 221 -21.81 40.08 -3.87
CA TYR A 221 -22.63 40.75 -2.84
C TYR A 221 -21.93 40.78 -1.47
N TYR A 222 -21.13 39.73 -1.19
CA TYR A 222 -20.34 39.63 0.02
C TYR A 222 -18.86 39.52 -0.36
N ILE A 223 -18.05 40.45 0.16
CA ILE A 223 -16.64 40.52 -0.15
C ILE A 223 -15.85 40.02 1.06
N VAL A 224 -15.16 38.90 0.87
CA VAL A 224 -14.28 38.31 1.86
C VAL A 224 -12.91 38.99 1.73
N VAL A 225 -12.49 39.66 2.80
CA VAL A 225 -11.18 40.30 2.89
C VAL A 225 -10.20 39.36 3.61
N ASN A 226 -9.06 39.11 2.93
CA ASN A 226 -7.89 38.35 3.42
C ASN A 226 -6.71 39.31 3.60
N SER A 239 -5.54 20.37 18.93
CA SER A 239 -6.72 19.55 18.66
C SER A 239 -6.29 18.08 18.43
N THR A 240 -6.83 17.19 19.25
CA THR A 240 -6.73 15.73 19.06
C THR A 240 -7.91 15.24 18.22
N GLY A 241 -8.86 16.14 17.91
CA GLY A 241 -10.03 15.83 17.08
C GLY A 241 -11.25 15.46 17.90
N ASN A 242 -11.16 15.51 19.24
CA ASN A 242 -12.29 15.13 20.11
C ASN A 242 -13.49 16.05 19.82
N GLN A 243 -13.25 17.36 19.87
CA GLN A 243 -14.28 18.37 19.69
C GLN A 243 -14.69 18.40 18.22
N TYR A 244 -13.70 18.45 17.32
CA TYR A 244 -13.93 18.52 15.90
C TYR A 244 -14.82 17.37 15.42
N PHE A 245 -14.48 16.12 15.77
CA PHE A 245 -15.29 15.00 15.28
C PHE A 245 -16.63 14.89 16.04
N ALA A 246 -16.72 15.50 17.23
CA ALA A 246 -18.00 15.62 17.92
C ALA A 246 -18.98 16.44 17.07
N THR A 247 -18.47 17.54 16.47
CA THR A 247 -19.21 18.41 15.59
C THR A 247 -19.60 17.68 14.30
N ILE A 248 -18.63 16.99 13.66
CA ILE A 248 -18.89 16.24 12.44
C ILE A 248 -20.02 15.24 12.71
N ASN A 249 -19.98 14.61 13.88
CA ASN A 249 -20.97 13.64 14.29
C ASN A 249 -22.35 14.29 14.27
N GLU A 250 -22.45 15.52 14.79
CA GLU A 250 -23.73 16.24 14.90
C GLU A 250 -24.28 16.54 13.49
N ILE A 251 -23.38 16.72 12.52
CA ILE A 251 -23.76 16.96 11.14
C ILE A 251 -24.53 15.74 10.61
N TYR A 252 -23.93 14.55 10.74
CA TYR A 252 -24.58 13.34 10.30
C TYR A 252 -25.91 13.11 11.03
N LYS A 253 -25.96 13.41 12.34
CA LYS A 253 -27.19 13.25 13.16
C LYS A 253 -28.29 14.19 12.66
N ALA A 254 -27.91 15.42 12.27
CA ALA A 254 -28.81 16.41 11.68
C ALA A 254 -29.41 15.86 10.38
N ILE A 255 -28.59 15.17 9.58
CA ILE A 255 -29.06 14.64 8.32
C ILE A 255 -30.05 13.50 8.56
N TYR A 256 -29.70 12.57 9.45
CA TYR A 256 -30.49 11.34 9.59
C TYR A 256 -31.74 11.56 10.45
N LYS A 257 -31.85 12.68 11.14
CA LYS A 257 -33.05 12.97 11.89
C LYS A 257 -33.86 14.06 11.18
N SER A 258 -33.52 14.39 9.92
CA SER A 258 -34.18 15.50 9.20
C SER A 258 -35.68 15.32 9.19
N PRO A 259 -36.48 16.33 9.61
CA PRO A 259 -37.93 16.28 9.40
C PRO A 259 -38.34 16.73 7.99
N ILE A 260 -37.36 17.20 7.20
CA ILE A 260 -37.55 17.63 5.83
C ILE A 260 -37.23 16.48 4.87
N TYR A 261 -36.01 15.93 4.96
CA TYR A 261 -35.59 14.79 4.17
C TYR A 261 -35.81 13.55 5.02
N LYS A 262 -36.99 12.94 4.88
CA LYS A 262 -37.48 11.86 5.74
C LYS A 262 -37.21 10.48 5.12
N ASN A 263 -37.00 10.41 3.80
CA ASN A 263 -36.78 9.12 3.16
C ASN A 263 -35.39 8.60 3.57
N GLN A 264 -35.30 7.33 3.96
CA GLN A 264 -34.08 6.81 4.55
C GLN A 264 -32.96 6.78 3.49
N GLU A 265 -33.33 6.51 2.23
CA GLU A 265 -32.35 6.45 1.15
C GLU A 265 -31.85 7.87 0.84
N LYS A 266 -32.75 8.85 0.92
CA LYS A 266 -32.36 10.22 0.66
C LYS A 266 -31.34 10.67 1.70
N ARG A 267 -31.48 10.15 2.94
CA ARG A 267 -30.64 10.54 4.07
C ARG A 267 -29.25 9.97 3.81
N HIS A 268 -29.22 8.72 3.33
CA HIS A 268 -28.00 8.03 2.90
C HIS A 268 -27.29 8.84 1.81
N GLN A 269 -28.03 9.36 0.84
CA GLN A 269 -27.44 10.14 -0.27
C GLN A 269 -26.79 11.44 0.25
N LEU A 270 -27.52 12.17 1.08
CA LEU A 270 -27.01 13.41 1.66
C LEU A 270 -25.77 13.11 2.50
N ALA A 271 -25.79 12.06 3.32
CA ALA A 271 -24.69 11.70 4.21
C ALA A 271 -23.46 11.39 3.36
N GLY A 272 -23.66 10.57 2.34
CA GLY A 272 -22.58 10.16 1.46
C GLY A 272 -21.97 11.34 0.73
N LYS A 273 -22.82 12.28 0.31
CA LYS A 273 -22.35 13.48 -0.39
C LYS A 273 -21.57 14.36 0.60
N TYR A 274 -21.98 14.37 1.87
CA TYR A 274 -21.20 15.19 2.85
C TYR A 274 -19.85 14.50 3.10
N THR A 275 -19.85 13.16 3.15
CA THR A 275 -18.58 12.39 3.36
C THR A 275 -17.56 12.83 2.30
N THR A 276 -17.96 12.86 1.03
CA THR A 276 -17.08 13.30 -0.08
C THR A 276 -16.52 14.68 0.23
N ARG A 277 -17.39 15.61 0.64
CA ARG A 277 -16.97 17.00 0.98
C ARG A 277 -15.95 16.97 2.12
N LEU A 278 -16.21 16.14 3.14
CA LEU A 278 -15.31 16.04 4.28
C LEU A 278 -13.93 15.55 3.83
N LEU A 279 -13.91 14.58 2.91
CA LEU A 279 -12.67 14.03 2.40
C LEU A 279 -11.97 15.03 1.48
N ARG A 280 -12.75 15.83 0.74
CA ARG A 280 -12.18 16.80 -0.19
C ARG A 280 -11.66 18.04 0.55
N HIS A 281 -12.33 18.48 1.63
CA HIS A 281 -12.04 19.80 2.24
C HIS A 281 -12.00 19.81 3.78
N GLY A 282 -11.98 18.63 4.41
CA GLY A 282 -12.05 18.54 5.86
C GLY A 282 -10.80 19.11 6.48
N GLN A 283 -10.89 19.44 7.77
CA GLN A 283 -9.71 19.84 8.52
C GLN A 283 -8.72 18.67 8.57
N LYS A 284 -7.44 19.00 8.34
CA LYS A 284 -6.29 18.04 8.39
C LYS A 284 -6.62 16.79 7.55
N LYS A 285 -7.10 17.01 6.33
CA LYS A 285 -7.52 15.91 5.47
C LYS A 285 -6.31 15.03 5.15
N ASN A 286 -5.10 15.61 5.13
CA ASN A 286 -3.87 14.92 4.80
C ASN A 286 -2.99 14.75 6.05
N PHE A 287 -3.61 14.50 7.21
CA PHE A 287 -2.92 14.28 8.48
C PHE A 287 -2.01 13.03 8.40
N ALA A 288 -2.37 12.03 7.60
CA ALA A 288 -1.75 10.68 7.72
C ALA A 288 -0.24 10.73 7.41
N ASN A 289 0.16 11.47 6.37
CA ASN A 289 1.58 11.58 5.96
C ASN A 289 2.21 12.90 6.43
N SER A 290 1.53 13.63 7.30
CA SER A 290 1.98 14.93 7.76
C SER A 290 3.05 14.79 8.84
N LYS A 291 3.53 15.92 9.34
CA LYS A 291 4.57 15.98 10.35
C LYS A 291 3.97 15.86 11.76
N MET A 292 2.66 15.65 11.85
CA MET A 292 1.97 15.36 13.12
C MET A 292 2.64 14.17 13.82
N LYS A 293 2.78 14.27 15.15
CA LYS A 293 3.30 13.18 15.95
C LYS A 293 2.46 11.93 15.75
N TYR A 294 3.09 10.75 15.78
CA TYR A 294 2.41 9.48 15.60
C TYR A 294 1.19 9.34 16.53
N GLU A 295 1.42 9.56 17.83
CA GLU A 295 0.36 9.46 18.86
C GLU A 295 -0.84 10.36 18.52
N ASP A 296 -0.55 11.57 18.04
CA ASP A 296 -1.62 12.50 17.62
C ASP A 296 -2.36 11.95 16.40
N LYS A 297 -1.64 11.34 15.45
CA LYS A 297 -2.26 10.76 14.26
C LYS A 297 -3.21 9.63 14.69
N ILE A 298 -2.81 8.81 15.67
CA ILE A 298 -3.64 7.68 16.14
C ILE A 298 -4.92 8.24 16.77
N GLU A 299 -4.79 9.28 17.62
CA GLU A 299 -5.94 9.84 18.30
C GLU A 299 -6.90 10.50 17.30
N TRP A 300 -6.34 11.21 16.31
CA TRP A 300 -7.11 11.87 15.28
C TRP A 300 -7.90 10.84 14.47
N LEU A 301 -7.19 9.81 13.99
CA LEU A 301 -7.83 8.75 13.23
C LEU A 301 -8.87 8.01 14.09
N ASN A 302 -8.57 7.75 15.35
CA ASN A 302 -9.52 7.05 16.23
C ASN A 302 -10.87 7.78 16.28
N ASN A 303 -10.81 9.11 16.41
CA ASN A 303 -12.00 9.97 16.50
C ASN A 303 -12.77 9.95 15.18
N PHE A 304 -12.02 10.09 14.07
CA PHE A 304 -12.55 10.07 12.72
C PHE A 304 -13.25 8.72 12.48
N SER A 305 -12.56 7.63 12.84
CA SER A 305 -13.07 6.27 12.67
C SER A 305 -14.39 6.07 13.43
N LYS A 306 -14.37 6.37 14.73
CA LYS A 306 -15.52 6.25 15.62
C LYS A 306 -16.73 7.01 15.06
N THR A 307 -16.48 8.23 14.56
CA THR A 307 -17.54 9.09 13.99
C THR A 307 -18.12 8.47 12.70
N ILE A 308 -17.24 8.08 11.76
CA ILE A 308 -17.72 7.56 10.47
C ILE A 308 -18.42 6.20 10.65
N ASN A 309 -18.03 5.42 11.66
CA ASN A 309 -18.64 4.12 11.91
C ASN A 309 -20.03 4.24 12.56
N LYS A 310 -20.45 5.46 12.92
CA LYS A 310 -21.85 5.69 13.28
C LYS A 310 -22.68 6.05 12.04
N VAL A 311 -22.02 6.17 10.88
CA VAL A 311 -22.67 6.48 9.63
C VAL A 311 -22.89 5.18 8.87
N PRO A 312 -24.16 4.87 8.50
CA PRO A 312 -24.47 3.67 7.72
C PRO A 312 -23.58 3.50 6.48
N ARG A 313 -23.15 2.25 6.22
CA ARG A 313 -22.38 1.91 5.03
C ARG A 313 -23.23 2.12 3.77
N ASP A 314 -24.56 2.17 3.92
CA ASP A 314 -25.49 2.49 2.82
C ASP A 314 -25.14 3.86 2.19
N SER A 315 -24.51 4.76 2.95
CA SER A 315 -24.11 6.08 2.43
C SER A 315 -22.86 5.99 1.54
N ASP A 316 -22.07 4.91 1.67
CA ASP A 316 -20.74 4.85 1.06
C ASP A 316 -20.81 4.84 -0.46
N LYS A 317 -21.86 4.23 -1.04
CA LYS A 317 -21.99 4.10 -2.47
C LYS A 317 -22.15 5.48 -3.13
N TYR A 318 -22.55 6.51 -2.37
CA TYR A 318 -22.72 7.87 -2.90
C TYR A 318 -21.43 8.69 -2.82
N VAL A 319 -20.39 8.15 -2.18
CA VAL A 319 -19.07 8.80 -2.12
C VAL A 319 -18.36 8.61 -3.47
N THR A 320 -17.69 9.67 -3.95
CA THR A 320 -16.88 9.61 -5.19
C THR A 320 -15.88 8.43 -5.13
N GLN A 321 -15.79 7.64 -6.20
CA GLN A 321 -15.12 6.29 -6.17
C GLN A 321 -13.62 6.41 -5.88
N ILE A 322 -12.96 7.54 -6.19
CA ILE A 322 -11.52 7.70 -5.88
C ILE A 322 -11.25 7.63 -4.38
N PHE A 323 -12.26 7.94 -3.53
CA PHE A 323 -12.06 7.96 -2.09
C PHE A 323 -12.41 6.60 -1.45
N ASN A 324 -12.75 5.58 -2.26
CA ASN A 324 -13.20 4.27 -1.75
C ASN A 324 -12.21 3.69 -0.73
N LEU A 325 -10.93 3.72 -1.08
CA LEU A 325 -9.90 3.10 -0.24
C LEU A 325 -9.69 3.95 1.02
N LYS A 326 -9.55 5.27 0.84
CA LYS A 326 -9.34 6.12 1.98
C LYS A 326 -10.48 5.92 2.97
N LEU A 327 -11.71 5.89 2.45
CA LEU A 327 -12.89 5.85 3.32
C LEU A 327 -12.87 4.54 4.10
N GLU A 328 -12.56 3.41 3.43
CA GLU A 328 -12.52 2.10 4.10
C GLU A 328 -11.38 2.08 5.13
N ALA A 329 -10.23 2.65 4.77
CA ALA A 329 -9.07 2.78 5.68
C ALA A 329 -9.51 3.45 6.98
N ILE A 330 -10.28 4.54 6.84
CA ILE A 330 -10.79 5.25 7.99
C ILE A 330 -11.79 4.37 8.77
N ARG A 331 -12.76 3.72 8.11
CA ARG A 331 -13.69 2.81 8.84
C ARG A 331 -12.90 1.72 9.58
N GLN A 332 -11.81 1.23 8.99
CA GLN A 332 -11.02 0.17 9.60
C GLN A 332 -10.03 0.71 10.66
N ASN A 333 -9.93 2.04 10.82
CA ASN A 333 -9.02 2.63 11.81
C ASN A 333 -7.58 2.14 11.56
N ASP A 334 -7.13 2.24 10.30
CA ASP A 334 -5.82 1.69 9.86
C ASP A 334 -4.98 2.84 9.27
N LEU A 335 -4.04 3.37 10.08
CA LEU A 335 -3.31 4.59 9.73
C LEU A 335 -2.42 4.33 8.50
N LEU A 336 -1.79 3.15 8.47
CA LEU A 336 -0.97 2.71 7.31
C LEU A 336 -1.81 2.77 6.05
N ALA A 337 -3.03 2.24 6.11
CA ALA A 337 -3.88 2.23 4.93
C ALA A 337 -4.25 3.66 4.52
N VAL A 338 -4.44 4.56 5.50
CA VAL A 338 -4.77 5.97 5.17
C VAL A 338 -3.54 6.61 4.52
N MET A 339 -2.35 6.38 5.08
CA MET A 339 -1.06 6.87 4.51
C MET A 339 -0.94 6.46 3.06
N ILE A 340 -1.25 5.19 2.80
CA ILE A 340 -1.11 4.60 1.45
C ILE A 340 -2.17 5.22 0.53
N ALA A 341 -3.39 5.31 1.02
CA ALA A 341 -4.50 5.89 0.27
C ALA A 341 -4.12 7.30 -0.22
N ASP A 342 -3.53 8.08 0.68
CA ASP A 342 -3.17 9.46 0.39
C ASP A 342 -2.07 9.48 -0.69
N LYS A 343 -1.13 8.53 -0.63
CA LYS A 343 -0.06 8.45 -1.62
C LYS A 343 -0.63 8.13 -3.02
N LEU A 344 -1.77 7.40 -3.10
CA LEU A 344 -2.33 7.00 -4.39
C LEU A 344 -3.32 8.03 -4.93
N LEU A 345 -3.74 8.99 -4.11
CA LEU A 345 -4.58 10.10 -4.59
C LEU A 345 -3.68 11.21 -5.14
N SER B 18 59.77 3.71 25.95
CA SER B 18 59.29 4.39 24.71
C SER B 18 58.08 3.63 24.16
N MET B 19 56.87 4.17 24.41
CA MET B 19 55.61 3.65 23.87
C MET B 19 55.61 3.89 22.36
N LYS B 20 55.19 2.88 21.59
CA LYS B 20 55.08 2.99 20.14
C LYS B 20 54.01 4.03 19.80
N LYS B 21 54.16 4.68 18.65
CA LYS B 21 53.13 5.58 18.12
C LYS B 21 51.89 4.78 17.66
N VAL B 22 52.12 3.71 16.87
CA VAL B 22 51.05 2.93 16.24
C VAL B 22 51.35 1.43 16.33
N SER B 23 50.35 0.64 16.73
CA SER B 23 50.28 -0.80 16.47
C SER B 23 49.32 -1.05 15.31
N VAL B 24 49.84 -1.63 14.22
CA VAL B 24 48.99 -2.16 13.17
C VAL B 24 48.57 -3.56 13.61
N ILE B 25 47.26 -3.82 13.60
CA ILE B 25 46.71 -5.10 14.05
C ILE B 25 46.09 -5.81 12.83
N MET B 26 46.67 -6.97 12.47
CA MET B 26 46.30 -7.65 11.24
C MET B 26 45.98 -9.11 11.53
N PRO B 27 44.69 -9.51 11.46
CA PRO B 27 44.31 -10.92 11.46
C PRO B 27 44.67 -11.57 10.12
N THR B 28 45.13 -12.84 10.17
CA THR B 28 45.39 -13.65 8.98
C THR B 28 44.59 -14.95 9.08
N PHE B 29 44.17 -15.47 7.92
CA PHE B 29 43.58 -16.79 7.81
C PHE B 29 43.68 -17.27 6.36
N ASN B 30 44.51 -18.31 6.15
CA ASN B 30 44.69 -19.00 4.86
C ASN B 30 44.94 -18.01 3.72
N ASN B 31 45.83 -17.03 3.95
CA ASN B 31 46.12 -16.00 2.95
C ASN B 31 47.18 -16.48 1.95
N GLY B 32 48.10 -17.33 2.42
CA GLY B 32 49.19 -17.83 1.59
C GLY B 32 50.14 -16.73 1.15
N GLU B 33 50.76 -16.94 -0.04
CA GLU B 33 51.87 -16.14 -0.54
C GLU B 33 51.44 -14.69 -0.76
N LYS B 34 50.15 -14.45 -1.05
CA LYS B 34 49.54 -13.10 -1.22
C LYS B 34 49.95 -12.16 -0.08
N LEU B 35 50.05 -12.70 1.13
CA LEU B 35 50.26 -11.96 2.35
C LEU B 35 51.57 -11.14 2.31
N HIS B 36 52.56 -11.57 1.51
CA HIS B 36 53.86 -10.91 1.38
C HIS B 36 53.65 -9.41 1.09
N ARG B 37 52.80 -9.12 0.11
CA ARG B 37 52.55 -7.78 -0.36
C ARG B 37 51.92 -6.93 0.76
N THR B 38 50.98 -7.50 1.52
CA THR B 38 50.35 -6.76 2.61
C THR B 38 51.37 -6.45 3.71
N ILE B 39 52.13 -7.45 4.16
CA ILE B 39 53.11 -7.26 5.23
C ILE B 39 54.15 -6.22 4.78
N SER B 40 54.57 -6.33 3.52
CA SER B 40 55.57 -5.45 2.96
CA SER B 40 55.57 -5.43 2.94
C SER B 40 55.09 -3.98 2.97
N SER B 41 53.79 -3.75 2.69
CA SER B 41 53.22 -2.40 2.67
C SER B 41 53.29 -1.81 4.08
N VAL B 42 53.25 -2.64 5.12
CA VAL B 42 53.33 -2.16 6.45
C VAL B 42 54.79 -1.91 6.84
N LEU B 43 55.70 -2.80 6.42
CA LEU B 43 57.07 -2.66 6.87
C LEU B 43 57.77 -1.52 6.13
N ASN B 44 57.27 -1.17 4.95
CA ASN B 44 57.73 -0.06 4.15
C ASN B 44 56.87 1.19 4.45
N GLN B 45 57.17 1.92 5.51
CA GLN B 45 56.40 3.14 5.87
C GLN B 45 57.42 4.29 5.98
N THR B 46 56.93 5.50 5.75
CA THR B 46 57.74 6.69 5.93
C THR B 46 58.00 6.90 7.42
N MET B 47 57.05 6.48 8.28
CA MET B 47 57.26 6.46 9.70
C MET B 47 58.51 5.62 10.02
N LYS B 48 59.30 6.09 11.00
CA LYS B 48 60.46 5.38 11.54
C LYS B 48 60.02 3.99 12.03
N SER B 49 60.74 2.95 11.57
CA SER B 49 60.36 1.55 11.80
C SER B 49 60.20 1.25 13.30
N THR B 50 61.04 1.89 14.10
CA THR B 50 61.07 1.67 15.54
C THR B 50 59.90 2.40 16.24
N ASP B 51 59.16 3.24 15.52
CA ASP B 51 58.05 4.04 16.13
C ASP B 51 56.72 3.28 16.04
N TYR B 52 56.67 2.17 15.29
CA TYR B 52 55.45 1.38 15.13
C TYR B 52 55.75 -0.10 15.10
N GLU B 53 54.70 -0.91 15.17
CA GLU B 53 54.83 -2.38 15.15
C GLU B 53 53.64 -2.98 14.39
N LEU B 54 53.88 -4.14 13.76
CA LEU B 54 52.86 -4.95 13.13
C LEU B 54 52.64 -6.18 14.00
N ILE B 55 51.39 -6.33 14.45
CA ILE B 55 50.92 -7.43 15.22
C ILE B 55 50.06 -8.29 14.30
N ILE B 56 50.53 -9.51 14.04
CA ILE B 56 49.85 -10.46 13.23
C ILE B 56 49.24 -11.50 14.17
N ILE B 57 47.92 -11.71 14.04
CA ILE B 57 47.22 -12.78 14.76
C ILE B 57 46.63 -13.75 13.74
N ASP B 58 47.20 -14.95 13.68
CA ASP B 58 46.76 -15.95 12.75
C ASP B 58 45.61 -16.74 13.38
N ASP B 59 44.48 -16.78 12.69
CA ASP B 59 43.26 -17.39 13.19
C ASP B 59 43.28 -18.87 12.84
N HIS B 60 44.38 -19.54 13.22
CA HIS B 60 44.56 -20.98 13.04
C HIS B 60 44.39 -21.39 11.57
N SER B 61 45.22 -20.80 10.71
CA SER B 61 45.37 -21.22 9.31
C SER B 61 45.62 -22.72 9.26
N ASN B 62 45.14 -23.34 8.17
CA ASN B 62 45.28 -24.74 7.98
C ASN B 62 45.60 -24.99 6.51
N ASP B 63 46.35 -24.09 5.87
CA ASP B 63 46.66 -24.14 4.43
C ASP B 63 48.05 -24.79 4.20
N ASN B 64 48.27 -25.94 4.82
CA ASN B 64 49.51 -26.72 4.69
CA ASN B 64 49.52 -26.72 4.66
C ASN B 64 50.73 -25.84 5.02
N GLY B 65 50.56 -24.96 6.02
CA GLY B 65 51.64 -24.13 6.56
C GLY B 65 52.02 -22.95 5.69
N GLU B 66 51.28 -22.67 4.61
CA GLU B 66 51.67 -21.63 3.63
C GLU B 66 51.60 -20.24 4.28
N THR B 67 50.53 -19.98 5.02
CA THR B 67 50.38 -18.68 5.64
C THR B 67 51.49 -18.48 6.68
N LEU B 68 51.66 -19.46 7.56
CA LEU B 68 52.71 -19.42 8.59
C LEU B 68 54.13 -19.29 7.98
N ASN B 69 54.39 -19.94 6.84
CA ASN B 69 55.69 -19.83 6.16
C ASN B 69 55.96 -18.39 5.73
N VAL B 70 54.91 -17.68 5.30
CA VAL B 70 55.08 -16.29 4.90
C VAL B 70 55.39 -15.45 6.16
N ILE B 71 54.65 -15.69 7.23
CA ILE B 71 54.80 -14.90 8.46
C ILE B 71 56.22 -15.11 9.00
N LYS B 72 56.69 -16.36 9.00
CA LYS B 72 58.02 -16.71 9.47
C LYS B 72 59.13 -15.98 8.69
N LYS B 73 58.89 -15.62 7.42
CA LYS B 73 59.90 -14.86 6.67
C LYS B 73 60.12 -13.45 7.25
N TYR B 74 59.20 -12.96 8.11
CA TYR B 74 59.32 -11.63 8.72
C TYR B 74 59.50 -11.77 10.25
N LYS B 75 59.83 -12.98 10.72
CA LYS B 75 60.18 -13.18 12.11
C LYS B 75 61.25 -12.14 12.52
N GLY B 76 61.02 -11.50 13.67
CA GLY B 76 61.88 -10.45 14.14
C GLY B 76 61.41 -9.07 13.72
N LEU B 77 60.58 -8.96 12.68
CA LEU B 77 60.12 -7.63 12.22
C LEU B 77 58.65 -7.40 12.56
N VAL B 78 57.98 -8.44 13.08
CA VAL B 78 56.59 -8.38 13.46
C VAL B 78 56.46 -9.04 14.83
N ARG B 79 55.36 -8.76 15.51
CA ARG B 79 54.92 -9.57 16.65
C ARG B 79 53.86 -10.54 16.15
N PHE B 80 53.86 -11.75 16.68
CA PHE B 80 53.02 -12.76 16.11
C PHE B 80 52.45 -13.64 17.22
N LYS B 81 51.15 -13.93 17.11
CA LYS B 81 50.48 -14.90 17.91
C LYS B 81 49.58 -15.75 17.03
N GLN B 82 49.67 -17.08 17.15
CA GLN B 82 48.71 -17.96 16.45
C GLN B 82 47.61 -18.39 17.43
N LEU B 83 46.36 -18.26 17.02
CA LEU B 83 45.26 -18.83 17.77
C LEU B 83 45.22 -20.34 17.52
N LYS B 84 44.71 -21.08 18.51
CA LYS B 84 44.80 -22.55 18.53
C LYS B 84 43.58 -23.19 17.82
N LYS B 85 42.49 -22.43 17.69
CA LYS B 85 41.32 -22.82 16.93
C LYS B 85 40.87 -21.62 16.08
N ASN B 86 40.29 -21.90 14.90
CA ASN B 86 39.76 -20.87 14.03
C ASN B 86 38.49 -20.26 14.63
N SER B 87 38.48 -18.93 14.80
CA SER B 87 37.33 -18.20 15.37
C SER B 87 36.26 -17.96 14.30
N GLY B 88 36.64 -17.92 13.03
CA GLY B 88 35.70 -17.74 11.92
C GLY B 88 35.59 -16.31 11.39
N ASN B 89 36.16 -15.33 12.07
CA ASN B 89 36.17 -13.94 11.57
C ASN B 89 37.18 -13.12 12.39
N ALA B 90 37.26 -11.82 12.13
CA ALA B 90 38.34 -10.90 12.59
C ALA B 90 38.19 -10.53 14.08
N SER B 91 37.00 -10.75 14.69
CA SER B 91 36.72 -10.22 16.02
C SER B 91 37.72 -10.73 17.08
N VAL B 92 37.83 -12.04 17.31
CA VAL B 92 38.74 -12.58 18.39
C VAL B 92 40.19 -12.20 18.06
N PRO B 93 40.67 -12.38 16.82
CA PRO B 93 42.03 -11.96 16.45
C PRO B 93 42.30 -10.47 16.71
N ARG B 94 41.37 -9.62 16.30
CA ARG B 94 41.51 -8.17 16.57
C ARG B 94 41.50 -7.89 18.08
N ASN B 95 40.62 -8.55 18.85
CA ASN B 95 40.63 -8.41 20.32
C ASN B 95 41.99 -8.85 20.91
N THR B 96 42.55 -9.92 20.37
CA THR B 96 43.87 -10.40 20.81
C THR B 96 44.93 -9.34 20.55
N GLY B 97 44.92 -8.77 19.34
CA GLY B 97 45.83 -7.66 18.98
C GLY B 97 45.73 -6.52 19.98
N LEU B 98 44.50 -6.17 20.40
CA LEU B 98 44.23 -5.00 21.29
C LEU B 98 44.87 -5.24 22.65
N LYS B 99 44.80 -6.47 23.16
CA LYS B 99 45.43 -6.80 24.43
C LYS B 99 46.97 -6.70 24.31
N MET B 100 47.53 -6.98 23.13
CA MET B 100 48.99 -7.04 22.93
C MET B 100 49.58 -5.62 22.74
N SER B 101 48.78 -4.68 22.24
CA SER B 101 49.23 -3.33 21.95
C SER B 101 49.29 -2.45 23.20
N LYS B 102 50.44 -1.82 23.42
CA LYS B 102 50.61 -0.76 24.41
C LYS B 102 50.91 0.54 23.66
N ALA B 103 50.48 0.65 22.40
CA ALA B 103 50.81 1.83 21.60
C ALA B 103 49.81 2.96 21.87
N GLU B 104 50.15 4.15 21.37
CA GLU B 104 49.35 5.35 21.50
C GLU B 104 48.08 5.25 20.65
N TYR B 105 48.25 4.80 19.41
CA TYR B 105 47.15 4.51 18.51
C TYR B 105 47.26 3.07 18.01
N VAL B 106 46.11 2.49 17.63
CA VAL B 106 46.04 1.23 16.86
C VAL B 106 45.42 1.49 15.47
N PHE B 107 45.80 0.68 14.50
CA PHE B 107 45.29 0.75 13.13
C PHE B 107 44.97 -0.68 12.70
N PHE B 108 43.71 -0.93 12.32
CA PHE B 108 43.28 -2.26 11.88
C PHE B 108 43.49 -2.39 10.37
N LEU B 109 44.23 -3.42 9.99
CA LEU B 109 44.53 -3.72 8.60
C LEU B 109 44.07 -5.16 8.33
N ASP B 110 43.27 -5.33 7.29
CA ASP B 110 42.85 -6.66 6.92
C ASP B 110 43.92 -7.26 6.03
N SER B 111 44.11 -8.58 6.15
CA SER B 111 45.22 -9.31 5.54
C SER B 111 45.21 -9.20 4.01
N ASP B 112 44.08 -8.92 3.37
CA ASP B 112 44.16 -8.87 1.87
C ASP B 112 44.53 -7.46 1.32
N ASP B 113 44.61 -6.44 2.20
CA ASP B 113 44.67 -5.02 1.77
C ASP B 113 46.11 -4.47 1.88
N LEU B 114 46.27 -3.19 1.50
CA LEU B 114 47.58 -2.53 1.45
C LEU B 114 47.51 -1.15 2.10
N LEU B 115 48.59 -0.76 2.79
CA LEU B 115 48.76 0.61 3.26
C LEU B 115 49.63 1.37 2.25
N HIS B 116 49.25 2.63 1.97
CA HIS B 116 50.16 3.57 1.32
C HIS B 116 51.40 3.76 2.21
N GLU B 117 52.58 3.99 1.61
CA GLU B 117 53.79 4.14 2.42
C GLU B 117 53.72 5.34 3.38
N ARG B 118 52.81 6.30 3.15
CA ARG B 118 52.73 7.49 4.04
C ARG B 118 51.54 7.40 5.01
N ALA B 119 50.87 6.24 5.06
CA ALA B 119 49.68 6.09 5.89
C ALA B 119 49.97 6.33 7.37
N LEU B 120 50.93 5.60 7.98
CA LEU B 120 51.08 5.73 9.43
C LEU B 120 51.58 7.13 9.83
N GLU B 121 52.57 7.66 9.10
CA GLU B 121 53.18 8.93 9.44
C GLU B 121 52.13 10.05 9.26
N ASP B 122 51.41 10.04 8.14
CA ASP B 122 50.53 11.16 7.82
C ASP B 122 49.35 11.16 8.81
N LEU B 123 48.79 9.97 9.07
CA LEU B 123 47.58 9.86 9.91
C LEU B 123 47.92 10.15 11.37
N TYR B 124 49.03 9.58 11.87
CA TYR B 124 49.50 9.83 13.24
C TYR B 124 49.84 11.33 13.44
N ASN B 125 50.58 11.95 12.54
CA ASN B 125 50.98 13.35 12.71
C ASN B 125 49.74 14.24 12.76
N TYR B 126 48.77 13.95 11.89
CA TYR B 126 47.56 14.74 11.81
C TYR B 126 46.73 14.58 13.10
N GLY B 127 46.62 13.34 13.57
CA GLY B 127 46.05 12.99 14.87
C GLY B 127 46.70 13.75 16.03
N LYS B 128 48.03 13.68 16.12
CA LYS B 128 48.73 14.40 17.17
C LYS B 128 48.52 15.90 17.09
N GLU B 129 48.60 16.47 15.89
CA GLU B 129 48.40 17.90 15.70
C GLU B 129 47.00 18.34 16.17
N ASN B 130 45.99 17.47 16.09
CA ASN B 130 44.59 17.83 16.28
C ASN B 130 43.98 17.17 17.52
N ASN B 131 44.83 16.51 18.33
CA ASN B 131 44.46 15.75 19.52
C ASN B 131 43.32 14.77 19.20
N SER B 132 43.44 14.07 18.07
CA SER B 132 42.37 13.29 17.52
C SER B 132 42.28 11.92 18.19
N ASP B 133 41.05 11.53 18.50
CA ASP B 133 40.75 10.17 18.96
C ASP B 133 40.71 9.17 17.79
N LEU B 134 40.33 9.67 16.62
CA LEU B 134 40.09 8.85 15.45
C LEU B 134 40.57 9.63 14.23
N ILE B 135 41.37 8.96 13.40
CA ILE B 135 41.84 9.51 12.13
C ILE B 135 41.46 8.54 11.01
N ILE B 136 40.76 9.06 10.02
CA ILE B 136 40.22 8.28 8.94
C ILE B 136 40.98 8.68 7.68
N GLY B 137 41.78 7.75 7.14
CA GLY B 137 42.42 7.94 5.91
C GLY B 137 41.55 7.49 4.72
N LYS B 138 41.60 8.28 3.64
CA LYS B 138 40.85 7.99 2.44
C LYS B 138 41.18 6.59 1.89
N TYR B 139 40.13 5.88 1.43
CA TYR B 139 40.23 4.51 0.88
C TYR B 139 40.37 4.54 -0.65
N GLY B 140 41.24 3.65 -1.13
CA GLY B 140 41.30 3.29 -2.51
C GLY B 140 40.84 1.86 -2.70
N VAL B 141 40.72 1.44 -3.95
CA VAL B 141 40.25 0.12 -4.25
C VAL B 141 41.10 -0.43 -5.42
N GLU B 142 41.33 -1.74 -5.36
CA GLU B 142 42.00 -2.50 -6.40
C GLU B 142 41.01 -3.57 -6.90
N GLY B 143 40.58 -3.44 -8.17
CA GLY B 143 39.79 -4.48 -8.86
C GLY B 143 38.29 -4.24 -8.80
N VAL B 148 33.95 1.57 -2.04
CA VAL B 148 34.44 2.22 -0.81
C VAL B 148 33.75 3.58 -0.62
N PRO B 149 33.61 4.05 0.65
CA PRO B 149 32.90 5.30 0.94
C PRO B 149 33.52 6.52 0.25
N LYS B 150 32.69 7.55 0.03
CA LYS B 150 33.04 8.66 -0.81
C LYS B 150 32.68 9.99 -0.14
N ALA B 151 31.45 10.18 0.34
CA ALA B 151 31.03 11.53 0.78
C ALA B 151 31.97 12.08 1.86
N ILE B 152 32.36 11.24 2.83
CA ILE B 152 33.26 11.61 3.92
C ILE B 152 34.56 12.24 3.41
N PHE B 153 35.01 11.93 2.18
CA PHE B 153 36.32 12.39 1.70
C PHE B 153 36.19 13.58 0.71
N GLU B 154 34.98 14.07 0.47
CA GLU B 154 34.77 15.09 -0.57
C GLU B 154 35.22 16.51 -0.15
N LYS B 155 35.47 16.75 1.13
CA LYS B 155 35.77 18.11 1.64
C LYS B 155 37.25 18.34 1.94
N GLY B 156 38.10 17.38 1.58
CA GLY B 156 39.53 17.49 1.83
C GLY B 156 39.84 17.08 3.25
N ASN B 157 40.94 17.60 3.79
CA ASN B 157 41.35 17.31 5.15
C ASN B 157 40.42 18.02 6.13
N VAL B 158 39.91 17.27 7.11
CA VAL B 158 39.00 17.82 8.16
C VAL B 158 39.61 17.55 9.54
N ALA B 159 40.00 18.62 10.25
CA ALA B 159 40.73 18.52 11.53
C ALA B 159 39.76 18.08 12.64
N LYS B 160 38.55 18.63 12.59
CA LYS B 160 37.53 18.42 13.59
C LYS B 160 36.21 18.06 12.90
N ALA B 161 36.04 16.77 12.57
CA ALA B 161 34.92 16.31 11.80
C ALA B 161 33.71 16.08 12.72
N ASP B 162 32.54 15.99 12.09
CA ASP B 162 31.29 15.70 12.83
C ASP B 162 30.59 14.52 12.17
N ILE B 163 29.94 13.67 12.99
CA ILE B 163 29.40 12.39 12.48
C ILE B 163 28.42 12.68 11.34
N ILE B 164 27.51 13.64 11.55
CA ILE B 164 26.44 13.80 10.58
C ILE B 164 26.95 14.61 9.38
N ASP B 165 27.57 15.75 9.63
CA ASP B 165 27.99 16.65 8.55
C ASP B 165 29.06 16.01 7.63
N ASN B 166 29.91 15.14 8.19
CA ASN B 166 31.02 14.53 7.41
C ASN B 166 30.69 13.07 7.02
N SER B 167 29.42 12.65 7.17
CA SER B 167 28.89 11.38 6.58
C SER B 167 29.62 10.16 7.14
N ILE B 168 29.95 10.21 8.44
CA ILE B 168 30.76 9.17 9.03
C ILE B 168 29.91 7.90 9.22
N PHE B 169 28.58 8.03 9.35
CA PHE B 169 27.74 6.81 9.43
C PHE B 169 27.80 5.98 8.13
N TYR B 170 28.30 6.57 7.04
CA TYR B 170 28.44 5.89 5.77
C TYR B 170 29.85 5.31 5.58
N ALA B 171 30.69 5.33 6.63
CA ALA B 171 32.05 4.83 6.56
C ALA B 171 32.49 4.27 7.92
N LEU B 172 31.79 3.23 8.40
CA LEU B 172 31.94 2.71 9.75
C LEU B 172 32.85 1.47 9.82
N SER B 173 33.62 1.15 8.78
CA SER B 173 34.62 0.04 8.87
C SER B 173 35.63 0.44 9.97
N VAL B 174 36.36 -0.54 10.54
CA VAL B 174 37.36 -0.23 11.58
C VAL B 174 38.75 0.00 10.94
N LEU B 175 38.77 0.20 9.63
CA LEU B 175 40.03 0.28 8.90
C LEU B 175 40.53 1.73 8.96
N LYS B 176 40.90 2.09 10.20
CA LYS B 176 41.10 3.45 10.65
C LYS B 176 42.11 3.42 11.81
N MET B 177 42.57 4.60 12.21
CA MET B 177 43.51 4.79 13.34
C MET B 177 42.71 5.24 14.56
N PHE B 178 42.80 4.46 15.64
CA PHE B 178 42.01 4.63 16.85
C PHE B 178 42.96 4.91 18.01
N LYS B 179 42.63 5.93 18.83
CA LYS B 179 43.36 6.24 20.07
C LYS B 179 43.12 5.14 21.10
N LYS B 180 44.22 4.48 21.51
CA LYS B 180 44.17 3.26 22.33
C LYS B 180 43.57 3.54 23.72
N SER B 181 43.82 4.73 24.29
CA SER B 181 43.31 5.08 25.64
C SER B 181 41.77 5.04 25.68
N VAL B 182 41.12 5.46 24.59
CA VAL B 182 39.68 5.45 24.49
C VAL B 182 39.19 4.00 24.55
N ILE B 183 39.85 3.14 23.78
CA ILE B 183 39.51 1.71 23.73
C ILE B 183 39.69 1.06 25.11
N ASP B 184 40.84 1.31 25.76
CA ASP B 184 41.16 0.72 27.10
C ASP B 184 40.21 1.22 28.19
N LYS B 185 40.01 2.55 28.27
CA LYS B 185 39.19 3.18 29.33
C LYS B 185 37.76 2.67 29.27
N ASN B 186 37.22 2.50 28.05
CA ASN B 186 35.81 2.16 27.87
C ASN B 186 35.62 0.67 27.61
N LYS B 187 36.70 -0.11 27.63
CA LYS B 187 36.67 -1.55 27.42
C LYS B 187 35.97 -1.89 26.10
N ILE B 188 36.32 -1.19 25.02
CA ILE B 188 35.71 -1.46 23.70
C ILE B 188 36.40 -2.70 23.10
N LYS B 189 35.59 -3.73 22.83
CA LYS B 189 36.02 -4.99 22.26
C LYS B 189 35.10 -5.29 21.08
N PHE B 190 35.61 -6.06 20.11
CA PHE B 190 34.78 -6.57 19.05
C PHE B 190 33.86 -7.63 19.64
N LYS B 191 32.57 -7.55 19.28
CA LYS B 191 31.59 -8.54 19.68
C LYS B 191 31.82 -9.80 18.84
N THR B 192 31.53 -10.94 19.46
CA THR B 192 31.72 -12.25 18.86
C THR B 192 30.37 -12.98 18.73
N PHE B 193 29.26 -12.25 18.82
CA PHE B 193 27.93 -12.88 18.75
C PHE B 193 27.33 -12.76 17.33
N SER B 194 27.97 -12.00 16.44
CA SER B 194 27.45 -11.72 15.08
C SER B 194 28.57 -11.78 14.06
N LYS B 195 28.27 -12.33 12.87
CA LYS B 195 29.22 -12.37 11.75
C LYS B 195 28.88 -11.24 10.77
N THR B 196 27.97 -10.33 11.17
CA THR B 196 27.69 -9.12 10.39
C THR B 196 27.40 -7.92 11.29
N ALA B 197 27.93 -6.78 10.83
CA ALA B 197 27.77 -5.44 11.38
C ALA B 197 28.58 -5.26 12.67
N GLU B 198 29.37 -6.25 13.09
CA GLU B 198 30.11 -6.09 14.34
C GLU B 198 31.18 -4.99 14.21
N ASP B 199 31.69 -4.74 13.00
CA ASP B 199 32.67 -3.70 12.76
C ASP B 199 32.03 -2.31 12.94
N GLN B 200 30.84 -2.15 12.36
CA GLN B 200 30.02 -0.93 12.53
C GLN B 200 29.89 -0.63 14.02
N LEU B 201 29.64 -1.67 14.83
CA LEU B 201 29.32 -1.48 16.26
C LEU B 201 30.56 -0.98 16.99
N PHE B 202 31.73 -1.57 16.70
CA PHE B 202 32.97 -1.12 17.31
C PHE B 202 33.17 0.38 17.05
N THR B 203 33.09 0.79 15.78
CA THR B 203 33.35 2.13 15.40
C THR B 203 32.32 3.07 16.08
N ILE B 204 31.06 2.62 16.16
CA ILE B 204 29.99 3.45 16.78
C ILE B 204 30.26 3.60 18.28
N GLU B 205 30.59 2.49 18.97
CA GLU B 205 30.95 2.56 20.37
C GLU B 205 32.12 3.53 20.58
N PHE B 206 33.10 3.50 19.66
CA PHE B 206 34.26 4.35 19.77
C PHE B 206 33.82 5.81 19.61
N LEU B 207 33.09 6.09 18.53
CA LEU B 207 32.59 7.46 18.25
C LEU B 207 31.78 7.99 19.43
N MET B 208 30.94 7.13 20.04
CA MET B 208 30.06 7.56 21.12
C MET B 208 30.85 7.81 22.41
N ASN B 209 32.13 7.43 22.46
CA ASN B 209 32.96 7.58 23.62
C ASN B 209 34.15 8.51 23.35
N SER B 210 34.10 9.29 22.25
CA SER B 210 35.13 10.26 21.97
C SER B 210 34.56 11.46 21.20
N LYS B 211 35.36 12.54 21.11
CA LYS B 211 34.92 13.80 20.56
C LYS B 211 35.64 14.23 19.27
N ASN B 212 36.92 13.89 19.17
CA ASN B 212 37.80 14.52 18.19
C ASN B 212 38.07 13.52 17.07
N TYR B 213 37.52 13.81 15.88
CA TYR B 213 37.69 12.94 14.72
C TYR B 213 38.34 13.77 13.61
N SER B 214 39.23 13.14 12.84
CA SER B 214 39.93 13.78 11.73
C SER B 214 39.82 12.90 10.49
N ILE B 215 39.81 13.57 9.33
CA ILE B 215 39.75 12.97 8.03
C ILE B 215 40.96 13.47 7.24
N LYS B 216 41.73 12.50 6.71
CA LYS B 216 42.95 12.79 5.95
C LYS B 216 42.81 12.16 4.56
N THR B 217 42.95 12.98 3.51
CA THR B 217 42.63 12.53 2.15
C THR B 217 43.72 12.85 1.11
N ASP B 218 44.94 13.21 1.53
CA ASP B 218 45.98 13.58 0.60
C ASP B 218 46.32 12.43 -0.37
N TYR B 219 46.20 11.19 0.11
CA TYR B 219 46.50 9.98 -0.70
C TYR B 219 45.40 8.97 -0.46
N GLU B 220 45.29 7.98 -1.34
CA GLU B 220 44.54 6.80 -0.99
C GLU B 220 45.41 5.99 -0.03
N TYR B 221 45.16 6.20 1.26
CA TYR B 221 46.02 5.77 2.30
C TYR B 221 45.85 4.28 2.61
N TYR B 222 44.61 3.77 2.47
CA TYR B 222 44.29 2.36 2.66
C TYR B 222 43.69 1.83 1.35
N ILE B 223 44.29 0.76 0.77
CA ILE B 223 43.77 0.18 -0.47
C ILE B 223 43.04 -1.13 -0.16
N VAL B 224 41.72 -1.13 -0.41
CA VAL B 224 40.91 -2.33 -0.31
C VAL B 224 41.12 -3.15 -1.58
N VAL B 225 41.62 -4.39 -1.43
CA VAL B 225 41.78 -5.31 -2.55
C VAL B 225 40.58 -6.26 -2.56
N ASN B 226 39.77 -6.22 -3.64
CA ASN B 226 38.57 -7.05 -3.77
C ASN B 226 38.97 -8.38 -4.43
N ASP B 227 38.36 -9.48 -3.96
CA ASP B 227 38.59 -10.81 -4.56
C ASP B 227 37.53 -11.80 -4.05
N SER B 239 19.86 -16.07 6.37
CA SER B 239 20.01 -15.55 7.72
C SER B 239 18.66 -15.05 8.26
N THR B 240 18.52 -15.21 9.60
CA THR B 240 17.33 -14.90 10.41
C THR B 240 17.22 -13.39 10.64
N GLY B 241 18.40 -12.76 10.67
CA GLY B 241 18.60 -11.45 11.14
C GLY B 241 18.77 -11.36 12.64
N ASN B 242 18.76 -12.49 13.37
CA ASN B 242 18.83 -12.42 14.83
C ASN B 242 20.11 -11.69 15.23
N GLN B 243 21.24 -12.17 14.72
CA GLN B 243 22.51 -11.63 15.15
C GLN B 243 22.69 -10.22 14.58
N TYR B 244 22.28 -10.04 13.32
CA TYR B 244 22.40 -8.74 12.66
C TYR B 244 21.63 -7.67 13.44
N PHE B 245 20.36 -7.95 13.77
CA PHE B 245 19.53 -6.95 14.42
C PHE B 245 19.96 -6.80 15.89
N ALA B 246 20.59 -7.83 16.45
CA ALA B 246 21.14 -7.72 17.79
C ALA B 246 22.26 -6.68 17.77
N THR B 247 23.06 -6.70 16.70
CA THR B 247 24.13 -5.77 16.50
C THR B 247 23.55 -4.35 16.30
N ILE B 248 22.53 -4.22 15.44
CA ILE B 248 21.87 -2.94 15.22
C ILE B 248 21.33 -2.39 16.54
N ASN B 249 20.71 -3.25 17.37
CA ASN B 249 20.19 -2.89 18.68
C ASN B 249 21.31 -2.27 19.54
N GLU B 250 22.53 -2.84 19.45
CA GLU B 250 23.65 -2.35 20.26
C GLU B 250 24.15 -1.00 19.77
N ILE B 251 23.98 -0.70 18.47
CA ILE B 251 24.33 0.59 17.92
C ILE B 251 23.42 1.67 18.53
N TYR B 252 22.10 1.45 18.51
CA TYR B 252 21.15 2.41 19.07
C TYR B 252 21.38 2.58 20.57
N LYS B 253 21.64 1.49 21.30
CA LYS B 253 21.92 1.59 22.72
C LYS B 253 23.20 2.40 22.99
N ALA B 254 24.24 2.23 22.15
CA ALA B 254 25.45 3.02 22.30
C ALA B 254 25.14 4.52 22.13
N ILE B 255 24.32 4.86 21.13
CA ILE B 255 23.94 6.28 20.92
C ILE B 255 23.24 6.81 22.18
N TYR B 256 22.27 6.06 22.69
CA TYR B 256 21.41 6.56 23.73
C TYR B 256 22.06 6.52 25.12
N LYS B 257 23.21 5.86 25.29
CA LYS B 257 23.97 5.83 26.52
C LYS B 257 25.27 6.64 26.42
N SER B 258 25.51 7.35 25.30
CA SER B 258 26.79 8.05 25.05
C SER B 258 27.09 9.06 26.17
N PRO B 259 28.29 8.96 26.77
CA PRO B 259 28.77 9.97 27.72
C PRO B 259 29.25 11.26 27.02
N ILE B 260 29.39 11.23 25.69
CA ILE B 260 29.80 12.38 24.92
C ILE B 260 28.57 13.11 24.37
N TYR B 261 27.71 12.39 23.66
CA TYR B 261 26.48 12.96 23.13
C TYR B 261 25.37 12.70 24.15
N LYS B 262 25.36 13.54 25.20
CA LYS B 262 24.52 13.32 26.38
C LYS B 262 23.12 13.92 26.19
N ASN B 263 22.99 14.94 25.34
CA ASN B 263 21.69 15.64 25.18
C ASN B 263 20.69 14.71 24.48
N GLN B 264 19.45 14.68 24.95
CA GLN B 264 18.52 13.65 24.50
C GLN B 264 18.10 13.93 23.05
N GLU B 265 18.00 15.21 22.66
CA GLU B 265 17.63 15.55 21.29
C GLU B 265 18.77 15.21 20.32
N LYS B 266 20.03 15.45 20.71
CA LYS B 266 21.17 15.06 19.86
C LYS B 266 21.19 13.55 19.68
N ARG B 267 20.83 12.78 20.73
CA ARG B 267 20.69 11.33 20.65
C ARG B 267 19.61 10.96 19.64
N HIS B 268 18.46 11.65 19.68
CA HIS B 268 17.41 11.41 18.71
C HIS B 268 17.91 11.70 17.28
N GLN B 269 18.64 12.80 17.11
CA GLN B 269 19.13 13.18 15.81
C GLN B 269 20.08 12.09 15.28
N LEU B 270 21.08 11.71 16.09
CA LEU B 270 22.03 10.66 15.69
C LEU B 270 21.30 9.37 15.34
N ALA B 271 20.35 8.96 16.19
CA ALA B 271 19.61 7.73 15.96
C ALA B 271 18.84 7.81 14.63
N GLY B 272 18.18 8.94 14.34
CA GLY B 272 17.38 9.08 13.12
C GLY B 272 18.24 9.08 11.86
N LYS B 273 19.42 9.66 11.98
CA LYS B 273 20.36 9.66 10.88
C LYS B 273 20.90 8.24 10.67
N TYR B 274 21.09 7.48 11.76
CA TYR B 274 21.54 6.07 11.59
C TYR B 274 20.42 5.27 10.89
N THR B 275 19.18 5.46 11.35
CA THR B 275 18.01 4.82 10.75
C THR B 275 18.02 5.07 9.24
N THR B 276 18.27 6.33 8.83
CA THR B 276 18.32 6.67 7.42
C THR B 276 19.40 5.83 6.70
N ARG B 277 20.60 5.75 7.28
CA ARG B 277 21.71 4.99 6.65
C ARG B 277 21.30 3.52 6.49
N LEU B 278 20.64 2.97 7.52
CA LEU B 278 20.20 1.57 7.60
C LEU B 278 19.18 1.31 6.48
N LEU B 279 18.28 2.26 6.26
CA LEU B 279 17.24 2.10 5.21
C LEU B 279 17.85 2.29 3.82
N ARG B 280 18.94 3.07 3.72
CA ARG B 280 19.62 3.24 2.42
C ARG B 280 20.55 2.05 2.10
N HIS B 281 21.33 1.57 3.06
CA HIS B 281 22.43 0.62 2.76
C HIS B 281 22.39 -0.63 3.64
N GLY B 282 21.32 -0.80 4.44
CA GLY B 282 21.25 -1.94 5.34
C GLY B 282 21.25 -3.26 4.58
N GLN B 283 21.47 -4.36 5.31
CA GLN B 283 21.39 -5.71 4.72
C GLN B 283 19.95 -6.01 4.30
N LYS B 284 19.79 -6.64 3.14
CA LYS B 284 18.49 -7.10 2.62
C LYS B 284 17.46 -5.98 2.77
N LYS B 285 17.83 -4.77 2.35
CA LYS B 285 16.99 -3.62 2.59
C LYS B 285 15.66 -3.79 1.84
N ASN B 286 15.66 -4.57 0.73
CA ASN B 286 14.48 -4.77 -0.08
C ASN B 286 13.97 -6.21 0.07
N PHE B 287 14.10 -6.77 1.27
CA PHE B 287 13.67 -8.15 1.53
C PHE B 287 12.17 -8.37 1.26
N ALA B 288 11.31 -7.35 1.37
CA ALA B 288 9.87 -7.61 1.49
C ALA B 288 9.27 -8.16 0.19
N ASN B 289 9.72 -7.64 -0.95
CA ASN B 289 9.23 -8.12 -2.25
C ASN B 289 10.23 -9.12 -2.86
N SER B 290 11.20 -9.59 -2.08
CA SER B 290 12.26 -10.46 -2.58
C SER B 290 11.77 -11.90 -2.67
N LYS B 291 12.68 -12.78 -3.11
CA LYS B 291 12.39 -14.19 -3.25
C LYS B 291 12.65 -14.96 -1.94
N MET B 292 13.01 -14.27 -0.86
CA MET B 292 13.07 -14.88 0.46
C MET B 292 11.73 -15.59 0.75
N LYS B 293 11.80 -16.74 1.41
CA LYS B 293 10.61 -17.50 1.81
C LYS B 293 9.76 -16.67 2.78
N TYR B 294 8.44 -16.86 2.74
CA TYR B 294 7.53 -16.08 3.60
C TYR B 294 7.97 -16.17 5.07
N GLU B 295 8.26 -17.37 5.58
CA GLU B 295 8.55 -17.51 7.02
C GLU B 295 9.86 -16.80 7.38
N ASP B 296 10.81 -16.75 6.46
CA ASP B 296 12.02 -15.98 6.65
C ASP B 296 11.71 -14.48 6.62
N LYS B 297 10.80 -14.04 5.74
CA LYS B 297 10.49 -12.59 5.72
C LYS B 297 9.88 -12.18 7.07
N ILE B 298 8.98 -13.01 7.62
CA ILE B 298 8.28 -12.73 8.84
C ILE B 298 9.26 -12.66 10.01
N GLU B 299 10.22 -13.58 10.08
CA GLU B 299 11.27 -13.56 11.11
C GLU B 299 12.17 -12.32 10.96
N TRP B 300 12.60 -12.02 9.74
CA TRP B 300 13.42 -10.86 9.45
C TRP B 300 12.70 -9.58 9.93
N LEU B 301 11.43 -9.45 9.55
CA LEU B 301 10.68 -8.23 9.90
C LEU B 301 10.39 -8.17 11.41
N ASN B 302 10.12 -9.31 12.04
CA ASN B 302 9.91 -9.32 13.50
C ASN B 302 11.17 -8.78 14.18
N ASN B 303 12.37 -9.16 13.69
CA ASN B 303 13.63 -8.72 14.27
C ASN B 303 13.81 -7.22 14.07
N PHE B 304 13.58 -6.74 12.85
CA PHE B 304 13.74 -5.35 12.49
C PHE B 304 12.74 -4.52 13.34
N SER B 305 11.49 -4.98 13.38
CA SER B 305 10.39 -4.26 14.02
C SER B 305 10.68 -4.11 15.53
N LYS B 306 11.03 -5.21 16.18
CA LYS B 306 11.29 -5.14 17.62
C LYS B 306 12.57 -4.33 17.92
N THR B 307 13.56 -4.32 17.01
CA THR B 307 14.74 -3.50 17.17
C THR B 307 14.39 -2.01 17.07
N ILE B 308 13.71 -1.60 15.99
CA ILE B 308 13.40 -0.18 15.79
C ILE B 308 12.39 0.30 16.85
N ASN B 309 11.54 -0.59 17.37
CA ASN B 309 10.57 -0.18 18.39
C ASN B 309 11.23 0.09 19.74
N LYS B 310 12.51 -0.23 19.95
CA LYS B 310 13.19 0.21 21.15
C LYS B 310 13.80 1.61 20.97
N VAL B 311 13.78 2.14 19.75
CA VAL B 311 14.25 3.46 19.40
C VAL B 311 13.11 4.47 19.55
N PRO B 312 13.29 5.52 20.36
CA PRO B 312 12.26 6.56 20.47
C PRO B 312 11.76 7.09 19.12
N ARG B 313 10.44 7.28 19.01
CA ARG B 313 9.84 7.81 17.80
C ARG B 313 10.29 9.25 17.56
N ASP B 314 10.84 9.93 18.58
CA ASP B 314 11.36 11.27 18.46
C ASP B 314 12.51 11.33 17.43
N SER B 315 13.16 10.19 17.14
CA SER B 315 14.21 10.10 16.14
C SER B 315 13.65 10.12 14.72
N ASP B 316 12.39 9.74 14.52
CA ASP B 316 11.83 9.51 13.18
C ASP B 316 11.81 10.80 12.35
N LYS B 317 11.67 11.96 12.99
CA LYS B 317 11.57 13.23 12.26
C LYS B 317 12.90 13.58 11.58
N TYR B 318 13.98 12.93 12.00
CA TYR B 318 15.30 13.15 11.39
C TYR B 318 15.58 12.19 10.22
N VAL B 319 14.70 11.20 10.00
CA VAL B 319 14.79 10.30 8.86
C VAL B 319 14.30 11.04 7.61
N THR B 320 14.95 10.80 6.49
CA THR B 320 14.55 11.36 5.23
C THR B 320 13.08 11.01 4.94
N GLN B 321 12.34 12.00 4.47
CA GLN B 321 10.88 11.94 4.38
C GLN B 321 10.39 10.83 3.43
N ILE B 322 11.17 10.53 2.38
CA ILE B 322 10.80 9.50 1.42
C ILE B 322 10.56 8.16 2.11
N PHE B 323 11.25 7.90 3.23
CA PHE B 323 11.13 6.65 4.00
C PHE B 323 9.97 6.67 5.03
N ASN B 324 9.14 7.70 5.05
CA ASN B 324 8.08 7.82 6.12
C ASN B 324 7.25 6.53 6.25
N LEU B 325 6.73 6.04 5.12
CA LEU B 325 5.81 4.90 5.11
C LEU B 325 6.56 3.59 5.42
N LYS B 326 7.75 3.42 4.83
CA LYS B 326 8.51 2.21 5.03
C LYS B 326 8.88 2.07 6.50
N LEU B 327 9.33 3.17 7.13
CA LEU B 327 9.71 3.14 8.53
C LEU B 327 8.47 2.80 9.39
N GLU B 328 7.32 3.45 9.12
CA GLU B 328 6.12 3.17 9.90
C GLU B 328 5.70 1.70 9.72
N ALA B 329 5.73 1.19 8.48
CA ALA B 329 5.36 -0.19 8.20
C ALA B 329 6.23 -1.15 9.02
N ILE B 330 7.54 -0.84 9.10
CA ILE B 330 8.45 -1.65 9.92
C ILE B 330 8.10 -1.55 11.41
N ARG B 331 7.78 -0.35 11.92
CA ARG B 331 7.37 -0.22 13.33
C ARG B 331 6.09 -1.02 13.58
N GLN B 332 5.19 -1.07 12.60
CA GLN B 332 3.91 -1.75 12.74
C GLN B 332 4.03 -3.27 12.53
N ASN B 333 5.22 -3.74 12.13
CA ASN B 333 5.46 -5.17 11.92
C ASN B 333 4.48 -5.69 10.86
N ASP B 334 4.25 -4.91 9.80
CA ASP B 334 3.27 -5.24 8.78
C ASP B 334 3.96 -5.52 7.45
N LEU B 335 4.12 -6.79 7.09
CA LEU B 335 4.88 -7.16 5.89
C LEU B 335 4.23 -6.58 4.62
N LEU B 336 2.89 -6.67 4.52
CA LEU B 336 2.15 -6.16 3.36
C LEU B 336 2.47 -4.67 3.15
N ALA B 337 2.48 -3.89 4.23
CA ALA B 337 2.74 -2.46 4.16
C ALA B 337 4.19 -2.16 3.73
N VAL B 338 5.17 -2.97 4.16
CA VAL B 338 6.56 -2.82 3.73
C VAL B 338 6.64 -3.14 2.23
N MET B 339 5.97 -4.22 1.80
CA MET B 339 5.86 -4.56 0.39
C MET B 339 5.32 -3.36 -0.41
N ILE B 340 4.22 -2.78 0.06
CA ILE B 340 3.61 -1.63 -0.61
C ILE B 340 4.59 -0.45 -0.60
N ALA B 341 5.20 -0.16 0.56
CA ALA B 341 6.10 0.97 0.66
C ALA B 341 7.21 0.87 -0.38
N ASP B 342 7.78 -0.34 -0.53
CA ASP B 342 8.87 -0.55 -1.43
C ASP B 342 8.44 -0.34 -2.88
N LYS B 343 7.21 -0.73 -3.21
CA LYS B 343 6.68 -0.57 -4.56
C LYS B 343 6.49 0.92 -4.87
N LEU B 344 6.19 1.75 -3.85
CA LEU B 344 5.99 3.22 -4.04
C LEU B 344 7.29 4.03 -3.99
N LEU B 345 8.40 3.40 -3.60
CA LEU B 345 9.73 4.02 -3.63
C LEU B 345 10.35 3.87 -5.02
N MET C 19 -15.83 -51.48 -31.48
CA MET C 19 -15.87 -50.22 -30.67
C MET C 19 -15.81 -49.02 -31.62
N LYS C 20 -16.65 -48.01 -31.34
CA LYS C 20 -16.68 -46.79 -32.13
C LYS C 20 -15.39 -46.00 -31.84
N LYS C 21 -14.92 -45.25 -32.84
CA LYS C 21 -13.78 -44.37 -32.69
C LYS C 21 -14.11 -43.24 -31.72
N VAL C 22 -15.28 -42.60 -31.89
CA VAL C 22 -15.67 -41.41 -31.10
C VAL C 22 -17.15 -41.47 -30.74
N SER C 23 -17.45 -41.17 -29.47
CA SER C 23 -18.77 -40.74 -29.01
C SER C 23 -18.77 -39.23 -28.77
N VAL C 24 -19.57 -38.48 -29.54
CA VAL C 24 -19.89 -37.10 -29.22
C VAL C 24 -21.00 -37.10 -28.15
N ILE C 25 -20.75 -36.39 -27.04
CA ILE C 25 -21.69 -36.30 -25.93
C ILE C 25 -22.19 -34.86 -25.84
N MET C 26 -23.50 -34.68 -26.06
CA MET C 26 -24.12 -33.36 -26.15
C MET C 26 -25.32 -33.29 -25.22
N PRO C 27 -25.20 -32.57 -24.08
CA PRO C 27 -26.34 -32.30 -23.21
C PRO C 27 -27.21 -31.19 -23.84
N THR C 28 -28.54 -31.32 -23.69
CA THR C 28 -29.49 -30.34 -24.21
C THR C 28 -30.42 -29.88 -23.09
N PHE C 29 -30.87 -28.62 -23.19
CA PHE C 29 -31.90 -28.07 -22.32
C PHE C 29 -32.57 -26.88 -23.01
N ASN C 30 -33.85 -27.06 -23.38
CA ASN C 30 -34.72 -26.01 -23.93
C ASN C 30 -34.06 -25.30 -25.11
N ASN C 31 -33.53 -26.09 -26.06
CA ASN C 31 -32.86 -25.56 -27.24
C ASN C 31 -33.89 -25.27 -28.35
N GLY C 32 -34.93 -26.12 -28.44
CA GLY C 32 -35.94 -26.03 -29.47
C GLY C 32 -35.35 -26.26 -30.85
N GLU C 33 -35.90 -25.55 -31.85
CA GLU C 33 -35.61 -25.75 -33.28
C GLU C 33 -34.15 -25.41 -33.61
N LYS C 34 -33.55 -24.49 -32.85
CA LYS C 34 -32.13 -24.10 -33.01
C LYS C 34 -31.21 -25.34 -32.97
N LEU C 35 -31.62 -26.39 -32.25
CA LEU C 35 -30.82 -27.60 -32.04
C LEU C 35 -30.51 -28.30 -33.38
N HIS C 36 -31.35 -28.12 -34.41
CA HIS C 36 -31.15 -28.76 -35.73
C HIS C 36 -29.75 -28.47 -36.29
N ARG C 37 -29.34 -27.20 -36.25
CA ARG C 37 -28.06 -26.78 -36.79
C ARG C 37 -26.90 -27.57 -36.16
N THR C 38 -26.90 -27.67 -34.84
CA THR C 38 -25.82 -28.30 -34.10
C THR C 38 -25.81 -29.79 -34.43
N ILE C 39 -27.00 -30.42 -34.45
CA ILE C 39 -27.07 -31.85 -34.70
C ILE C 39 -26.59 -32.12 -36.14
N SER C 40 -27.02 -31.27 -37.09
CA SER C 40 -26.61 -31.37 -38.50
C SER C 40 -25.07 -31.31 -38.63
N SER C 41 -24.44 -30.43 -37.84
CA SER C 41 -22.99 -30.23 -37.89
C SER C 41 -22.26 -31.51 -37.45
N VAL C 42 -22.89 -32.30 -36.57
CA VAL C 42 -22.32 -33.56 -36.10
C VAL C 42 -22.55 -34.68 -37.11
N LEU C 43 -23.78 -34.76 -37.64
CA LEU C 43 -24.14 -35.86 -38.55
C LEU C 43 -23.44 -35.70 -39.91
N ASN C 44 -23.04 -34.47 -40.26
CA ASN C 44 -22.32 -34.18 -41.51
C ASN C 44 -20.79 -34.15 -41.26
N GLN C 45 -20.23 -35.22 -40.69
CA GLN C 45 -18.77 -35.33 -40.53
C GLN C 45 -18.18 -36.12 -41.69
N THR C 46 -16.90 -35.83 -42.00
CA THR C 46 -16.12 -36.59 -42.97
C THR C 46 -15.79 -37.99 -42.42
N MET C 47 -15.73 -38.13 -41.09
CA MET C 47 -15.53 -39.47 -40.52
C MET C 47 -16.72 -40.35 -40.94
N LYS C 48 -16.44 -41.63 -41.24
CA LYS C 48 -17.46 -42.65 -41.56
C LYS C 48 -18.50 -42.70 -40.45
N SER C 49 -19.79 -42.71 -40.81
CA SER C 49 -20.92 -42.60 -39.84
C SER C 49 -20.92 -43.79 -38.88
N THR C 50 -20.46 -44.95 -39.37
CA THR C 50 -20.40 -46.17 -38.60
C THR C 50 -19.32 -46.07 -37.51
N ASP C 51 -18.34 -45.17 -37.67
CA ASP C 51 -17.20 -45.08 -36.75
C ASP C 51 -17.45 -44.14 -35.57
N TYR C 52 -18.61 -43.48 -35.53
CA TYR C 52 -18.88 -42.54 -34.42
C TYR C 52 -20.39 -42.48 -34.13
N GLU C 53 -20.69 -41.99 -32.92
CA GLU C 53 -22.05 -41.85 -32.48
C GLU C 53 -22.20 -40.45 -31.86
N LEU C 54 -23.44 -39.97 -31.89
CA LEU C 54 -23.86 -38.83 -31.15
C LEU C 54 -24.77 -39.32 -30.03
N ILE C 55 -24.34 -39.07 -28.78
CA ILE C 55 -25.14 -39.36 -27.59
C ILE C 55 -25.74 -38.04 -27.11
N ILE C 56 -27.07 -37.91 -27.22
CA ILE C 56 -27.78 -36.72 -26.72
C ILE C 56 -28.45 -37.05 -25.37
N ILE C 57 -28.14 -36.25 -24.35
CA ILE C 57 -28.80 -36.39 -23.07
C ILE C 57 -29.55 -35.10 -22.78
N ASP C 58 -30.89 -35.18 -22.83
CA ASP C 58 -31.71 -34.02 -22.54
C ASP C 58 -31.93 -33.92 -21.02
N ASP C 59 -31.64 -32.74 -20.48
CA ASP C 59 -31.68 -32.50 -19.02
C ASP C 59 -33.09 -32.06 -18.62
N HIS C 60 -34.06 -32.93 -18.92
CA HIS C 60 -35.48 -32.71 -18.73
C HIS C 60 -35.90 -31.29 -19.17
N SER C 61 -35.81 -31.05 -20.48
CA SER C 61 -36.35 -29.84 -21.10
C SER C 61 -37.82 -29.69 -20.69
N ASN C 62 -38.26 -28.43 -20.53
CA ASN C 62 -39.62 -28.13 -20.12
C ASN C 62 -40.27 -27.14 -21.11
N ASP C 63 -39.88 -27.21 -22.40
CA ASP C 63 -40.25 -26.20 -23.40
C ASP C 63 -41.40 -26.73 -24.25
N ASN C 64 -42.42 -27.29 -23.59
CA ASN C 64 -43.65 -27.79 -24.19
C ASN C 64 -43.28 -28.76 -25.34
N GLY C 65 -42.39 -29.70 -25.03
CA GLY C 65 -42.03 -30.79 -25.90
C GLY C 65 -41.19 -30.38 -27.10
N GLU C 66 -40.80 -29.10 -27.17
CA GLU C 66 -40.21 -28.56 -28.40
C GLU C 66 -38.84 -29.22 -28.65
N THR C 67 -37.93 -29.14 -27.67
CA THR C 67 -36.57 -29.67 -27.79
C THR C 67 -36.60 -31.20 -28.03
N LEU C 68 -37.43 -31.92 -27.27
CA LEU C 68 -37.53 -33.37 -27.40
C LEU C 68 -38.14 -33.75 -28.75
N ASN C 69 -38.99 -32.87 -29.30
CA ASN C 69 -39.59 -33.10 -30.62
C ASN C 69 -38.50 -33.08 -31.72
N VAL C 70 -37.51 -32.19 -31.57
CA VAL C 70 -36.38 -32.08 -32.49
C VAL C 70 -35.51 -33.35 -32.43
N ILE C 71 -35.25 -33.82 -31.22
CA ILE C 71 -34.41 -34.98 -30.99
C ILE C 71 -35.06 -36.21 -31.63
N LYS C 72 -36.39 -36.33 -31.53
CA LYS C 72 -37.14 -37.51 -32.03
C LYS C 72 -36.98 -37.66 -33.56
N LYS C 73 -36.63 -36.57 -34.27
CA LYS C 73 -36.55 -36.56 -35.74
C LYS C 73 -35.29 -37.30 -36.23
N TYR C 74 -34.43 -37.70 -35.29
CA TYR C 74 -33.19 -38.36 -35.60
C TYR C 74 -33.12 -39.74 -34.94
N LYS C 75 -34.27 -40.30 -34.56
CA LYS C 75 -34.29 -41.65 -33.98
C LYS C 75 -33.70 -42.65 -34.98
N GLY C 76 -32.82 -43.51 -34.49
CA GLY C 76 -32.07 -44.42 -35.32
C GLY C 76 -30.76 -43.83 -35.85
N LEU C 77 -30.57 -42.50 -35.76
CA LEU C 77 -29.34 -41.86 -36.24
C LEU C 77 -28.47 -41.35 -35.07
N VAL C 78 -29.02 -41.37 -33.86
CA VAL C 78 -28.37 -40.88 -32.65
C VAL C 78 -28.77 -41.82 -31.52
N ARG C 79 -28.07 -41.73 -30.40
CA ARG C 79 -28.50 -42.33 -29.15
C ARG C 79 -29.03 -41.22 -28.24
N PHE C 80 -29.98 -41.58 -27.37
CA PHE C 80 -30.74 -40.58 -26.64
C PHE C 80 -31.26 -41.13 -25.31
N LYS C 81 -31.07 -40.33 -24.27
CA LYS C 81 -31.70 -40.51 -22.96
C LYS C 81 -32.18 -39.15 -22.47
N GLN C 82 -33.31 -39.13 -21.77
CA GLN C 82 -33.84 -37.92 -21.13
C GLN C 82 -33.78 -38.14 -19.61
N LEU C 83 -33.21 -37.16 -18.89
CA LEU C 83 -33.14 -37.23 -17.42
C LEU C 83 -34.55 -37.05 -16.84
N LYS C 84 -34.78 -37.66 -15.67
CA LYS C 84 -36.06 -37.62 -14.97
C LYS C 84 -36.34 -36.19 -14.47
N LYS C 85 -35.30 -35.42 -14.14
CA LYS C 85 -35.42 -34.05 -13.62
C LYS C 85 -34.25 -33.21 -14.14
N ASN C 86 -34.45 -31.88 -14.18
CA ASN C 86 -33.42 -30.98 -14.65
C ASN C 86 -32.31 -30.91 -13.59
N SER C 87 -31.05 -31.01 -14.02
CA SER C 87 -29.95 -31.02 -13.09
C SER C 87 -29.43 -29.59 -12.88
N GLY C 88 -29.64 -28.71 -13.86
CA GLY C 88 -29.30 -27.29 -13.75
C GLY C 88 -28.06 -26.91 -14.55
N ASN C 89 -27.26 -27.89 -14.98
CA ASN C 89 -26.08 -27.63 -15.83
C ASN C 89 -25.60 -28.95 -16.49
N ALA C 90 -24.42 -28.89 -17.13
CA ALA C 90 -23.98 -29.95 -18.07
C ALA C 90 -23.42 -31.18 -17.34
N SER C 91 -23.14 -31.07 -16.03
CA SER C 91 -22.39 -32.08 -15.30
C SER C 91 -23.11 -33.45 -15.34
N VAL C 92 -24.29 -33.55 -14.74
CA VAL C 92 -24.99 -34.84 -14.65
C VAL C 92 -25.20 -35.38 -16.07
N PRO C 93 -25.79 -34.59 -17.00
CA PRO C 93 -26.00 -35.05 -18.37
C PRO C 93 -24.71 -35.60 -19.00
N ARG C 94 -23.60 -34.87 -18.84
CA ARG C 94 -22.34 -35.31 -19.41
C ARG C 94 -21.91 -36.63 -18.76
N ASN C 95 -22.07 -36.75 -17.43
CA ASN C 95 -21.69 -38.00 -16.73
C ASN C 95 -22.50 -39.18 -17.31
N THR C 96 -23.79 -38.94 -17.56
CA THR C 96 -24.70 -39.93 -18.15
C THR C 96 -24.16 -40.41 -19.50
N GLY C 97 -23.70 -39.46 -20.32
CA GLY C 97 -23.10 -39.75 -21.61
C GLY C 97 -21.87 -40.63 -21.51
N LEU C 98 -21.01 -40.37 -20.51
CA LEU C 98 -19.76 -41.14 -20.32
C LEU C 98 -20.10 -42.61 -20.01
N LYS C 99 -21.14 -42.83 -19.22
CA LYS C 99 -21.58 -44.16 -18.84
C LYS C 99 -22.10 -44.89 -20.09
N MET C 100 -22.66 -44.15 -21.03
CA MET C 100 -23.24 -44.74 -22.22
C MET C 100 -22.17 -45.04 -23.28
N SER C 101 -21.10 -44.25 -23.37
CA SER C 101 -20.09 -44.47 -24.43
C SER C 101 -19.14 -45.59 -24.02
N LYS C 102 -18.94 -46.54 -24.93
CA LYS C 102 -17.87 -47.52 -24.83
C LYS C 102 -16.90 -47.31 -26.00
N ALA C 103 -16.78 -46.06 -26.47
CA ALA C 103 -15.93 -45.70 -27.59
C ALA C 103 -14.47 -45.51 -27.13
N GLU C 104 -13.57 -45.34 -28.11
CA GLU C 104 -12.16 -45.08 -27.89
C GLU C 104 -11.95 -43.69 -27.30
N TYR C 105 -12.58 -42.70 -27.93
CA TYR C 105 -12.53 -41.31 -27.49
C TYR C 105 -13.95 -40.76 -27.30
N VAL C 106 -14.05 -39.70 -26.48
CA VAL C 106 -15.26 -38.91 -26.35
C VAL C 106 -14.94 -37.47 -26.71
N PHE C 107 -15.97 -36.76 -27.19
CA PHE C 107 -15.91 -35.36 -27.50
C PHE C 107 -17.15 -34.67 -26.93
N PHE C 108 -16.95 -33.74 -25.99
CA PHE C 108 -18.05 -32.92 -25.46
C PHE C 108 -18.34 -31.76 -26.41
N LEU C 109 -19.58 -31.75 -26.89
CA LEU C 109 -20.09 -30.67 -27.67
C LEU C 109 -21.32 -30.12 -26.95
N ASP C 110 -21.39 -28.80 -26.84
CA ASP C 110 -22.53 -28.10 -26.26
C ASP C 110 -23.57 -27.90 -27.35
N SER C 111 -24.84 -27.88 -26.91
CA SER C 111 -26.01 -27.94 -27.77
C SER C 111 -26.19 -26.65 -28.59
N ASP C 112 -25.41 -25.61 -28.32
CA ASP C 112 -25.49 -24.37 -29.11
C ASP C 112 -24.27 -24.19 -30.06
N ASP C 113 -23.29 -25.10 -30.03
CA ASP C 113 -22.02 -24.93 -30.82
C ASP C 113 -22.06 -25.73 -32.12
N LEU C 114 -21.03 -25.58 -32.98
CA LEU C 114 -20.97 -26.23 -34.30
C LEU C 114 -19.59 -26.88 -34.48
N LEU C 115 -19.57 -28.12 -34.96
CA LEU C 115 -18.32 -28.78 -35.38
C LEU C 115 -18.03 -28.43 -36.84
N HIS C 116 -16.76 -28.21 -37.14
CA HIS C 116 -16.25 -28.31 -38.49
C HIS C 116 -16.46 -29.76 -38.98
N GLU C 117 -16.74 -29.90 -40.28
CA GLU C 117 -17.03 -31.20 -40.88
C GLU C 117 -15.84 -32.16 -40.75
N ARG C 118 -14.63 -31.60 -40.64
CA ARG C 118 -13.40 -32.44 -40.54
C ARG C 118 -12.92 -32.55 -39.09
N ALA C 119 -13.78 -32.20 -38.12
CA ALA C 119 -13.40 -32.20 -36.70
C ALA C 119 -13.08 -33.62 -36.20
N LEU C 120 -14.03 -34.55 -36.29
CA LEU C 120 -13.86 -35.84 -35.64
C LEU C 120 -12.73 -36.63 -36.31
N GLU C 121 -12.64 -36.54 -37.64
CA GLU C 121 -11.70 -37.30 -38.46
C GLU C 121 -10.26 -36.81 -38.20
N ASP C 122 -10.04 -35.49 -38.37
CA ASP C 122 -8.69 -34.93 -38.22
C ASP C 122 -8.22 -35.09 -36.77
N LEU C 123 -9.11 -34.87 -35.79
CA LEU C 123 -8.68 -34.89 -34.38
C LEU C 123 -8.37 -36.33 -33.94
N TYR C 124 -9.26 -37.25 -34.32
CA TYR C 124 -9.07 -38.68 -34.05
C TYR C 124 -7.78 -39.18 -34.71
N ASN C 125 -7.64 -38.95 -36.03
CA ASN C 125 -6.44 -39.38 -36.79
C ASN C 125 -5.19 -38.83 -36.08
N TYR C 126 -5.17 -37.52 -35.78
CA TYR C 126 -3.99 -36.87 -35.19
C TYR C 126 -3.69 -37.50 -33.83
N GLY C 127 -4.74 -37.81 -33.07
CA GLY C 127 -4.65 -38.46 -31.77
C GLY C 127 -4.10 -39.88 -31.88
N LYS C 128 -4.56 -40.61 -32.90
CA LYS C 128 -4.15 -42.00 -33.07
C LYS C 128 -2.65 -42.01 -33.37
N GLU C 129 -2.22 -41.13 -34.28
CA GLU C 129 -0.86 -41.12 -34.79
C GLU C 129 0.14 -40.74 -33.67
N ASN C 130 -0.28 -39.95 -32.68
CA ASN C 130 0.59 -39.50 -31.60
C ASN C 130 0.19 -40.11 -30.25
N ASN C 131 -0.59 -41.20 -30.28
CA ASN C 131 -1.03 -41.91 -29.05
C ASN C 131 -1.55 -40.91 -28.00
N SER C 132 -2.36 -39.95 -28.45
CA SER C 132 -2.79 -38.82 -27.61
C SER C 132 -3.92 -39.22 -26.65
N ASP C 133 -3.79 -38.80 -25.39
CA ASP C 133 -4.85 -38.92 -24.40
C ASP C 133 -5.88 -37.80 -24.57
N LEU C 134 -5.44 -36.66 -25.09
CA LEU C 134 -6.24 -35.43 -25.24
C LEU C 134 -5.89 -34.79 -26.59
N ILE C 135 -6.88 -34.52 -27.44
CA ILE C 135 -6.62 -33.75 -28.64
C ILE C 135 -7.48 -32.48 -28.58
N ILE C 136 -6.83 -31.33 -28.78
CA ILE C 136 -7.45 -30.03 -28.69
C ILE C 136 -7.46 -29.40 -30.07
N GLY C 137 -8.65 -29.20 -30.64
CA GLY C 137 -8.82 -28.50 -31.90
C GLY C 137 -9.00 -27.01 -31.66
N LYS C 138 -8.42 -26.19 -32.54
CA LYS C 138 -8.56 -24.74 -32.51
C LYS C 138 -10.03 -24.35 -32.56
N TYR C 139 -10.39 -23.36 -31.73
CA TYR C 139 -11.74 -22.84 -31.57
C TYR C 139 -11.94 -21.65 -32.52
N GLY C 140 -13.12 -21.58 -33.12
CA GLY C 140 -13.64 -20.35 -33.70
C GLY C 140 -14.80 -19.79 -32.89
N VAL C 141 -15.33 -18.66 -33.33
CA VAL C 141 -16.45 -18.05 -32.63
C VAL C 141 -17.42 -17.45 -33.67
N GLU C 142 -18.71 -17.54 -33.36
CA GLU C 142 -19.71 -17.00 -34.25
C GLU C 142 -20.06 -15.57 -33.81
N SER C 147 -14.72 -14.16 -26.61
CA SER C 147 -13.30 -14.45 -26.84
C SER C 147 -12.95 -15.85 -26.30
N VAL C 148 -12.30 -16.66 -27.15
CA VAL C 148 -11.91 -18.06 -26.86
C VAL C 148 -10.37 -18.11 -26.80
N PRO C 149 -9.76 -19.15 -26.17
CA PRO C 149 -8.31 -19.20 -25.97
C PRO C 149 -7.56 -19.12 -27.31
N LYS C 150 -6.39 -18.45 -27.31
CA LYS C 150 -5.63 -18.23 -28.54
C LYS C 150 -4.16 -18.68 -28.37
N ALA C 151 -3.60 -18.56 -27.16
CA ALA C 151 -2.17 -18.80 -26.92
C ALA C 151 -1.79 -20.25 -27.27
N ILE C 152 -2.62 -21.20 -26.81
CA ILE C 152 -2.44 -22.63 -27.01
C ILE C 152 -2.27 -22.96 -28.51
N PHE C 153 -2.90 -22.18 -29.41
CA PHE C 153 -2.92 -22.50 -30.82
C PHE C 153 -1.86 -21.73 -31.64
N GLU C 154 -1.03 -20.90 -31.00
CA GLU C 154 -0.19 -19.96 -31.76
C GLU C 154 1.14 -20.60 -32.18
N LYS C 155 1.40 -21.87 -31.85
CA LYS C 155 2.64 -22.54 -32.27
C LYS C 155 2.35 -23.58 -33.36
N GLY C 156 1.14 -23.50 -33.94
CA GLY C 156 0.65 -24.51 -34.90
C GLY C 156 0.44 -25.85 -34.23
N ASN C 157 0.49 -26.92 -35.03
CA ASN C 157 0.24 -28.27 -34.55
C ASN C 157 1.37 -28.71 -33.61
N VAL C 158 0.97 -29.30 -32.47
CA VAL C 158 1.88 -29.80 -31.46
C VAL C 158 1.47 -31.23 -31.10
N ALA C 159 2.37 -32.18 -31.39
CA ALA C 159 2.08 -33.61 -31.23
C ALA C 159 2.08 -34.00 -29.75
N LYS C 160 3.06 -33.48 -29.00
CA LYS C 160 3.24 -33.75 -27.57
C LYS C 160 3.32 -32.40 -26.83
N ALA C 161 2.17 -31.92 -26.35
CA ALA C 161 2.09 -30.58 -25.80
C ALA C 161 2.50 -30.61 -24.32
N ASP C 162 2.88 -29.43 -23.82
CA ASP C 162 3.27 -29.21 -22.43
C ASP C 162 2.26 -28.27 -21.78
N ILE C 163 1.81 -28.57 -20.55
CA ILE C 163 0.78 -27.74 -19.89
C ILE C 163 1.24 -26.28 -19.88
N ILE C 164 2.49 -26.05 -19.47
CA ILE C 164 3.01 -24.70 -19.28
C ILE C 164 3.42 -24.08 -20.62
N ASP C 165 4.26 -24.74 -21.41
CA ASP C 165 4.81 -24.13 -22.63
C ASP C 165 3.70 -23.85 -23.65
N ASN C 166 2.58 -24.59 -23.59
CA ASN C 166 1.53 -24.49 -24.60
C ASN C 166 0.24 -23.91 -23.98
N SER C 167 0.37 -23.32 -22.79
CA SER C 167 -0.65 -22.45 -22.19
C SER C 167 -1.97 -23.19 -22.00
N ILE C 168 -1.91 -24.46 -21.57
CA ILE C 168 -3.14 -25.28 -21.53
C ILE C 168 -4.06 -24.84 -20.38
N PHE C 169 -3.49 -24.29 -19.30
CA PHE C 169 -4.30 -23.83 -18.17
C PHE C 169 -5.21 -22.65 -18.58
N TYR C 170 -4.99 -22.10 -19.77
CA TYR C 170 -5.78 -20.98 -20.30
C TYR C 170 -6.82 -21.48 -21.31
N ALA C 171 -7.01 -22.81 -21.35
CA ALA C 171 -7.92 -23.47 -22.31
C ALA C 171 -8.49 -24.74 -21.68
N LEU C 172 -9.18 -24.59 -20.55
CA LEU C 172 -9.60 -25.71 -19.72
C LEU C 172 -11.06 -26.13 -19.97
N SER C 173 -11.67 -25.66 -21.04
CA SER C 173 -13.01 -26.15 -21.40
C SER C 173 -12.90 -27.64 -21.75
N VAL C 174 -14.02 -28.36 -21.64
CA VAL C 174 -14.04 -29.77 -21.96
C VAL C 174 -14.41 -29.99 -23.44
N LEU C 175 -14.34 -28.95 -24.26
CA LEU C 175 -14.78 -29.01 -25.65
C LEU C 175 -13.62 -29.50 -26.51
N LYS C 176 -13.30 -30.77 -26.29
CA LYS C 176 -12.05 -31.40 -26.69
C LYS C 176 -12.27 -32.91 -26.82
N MET C 177 -11.30 -33.62 -27.36
CA MET C 177 -11.41 -35.07 -27.56
C MET C 177 -10.56 -35.79 -26.49
N PHE C 178 -11.22 -36.57 -25.65
CA PHE C 178 -10.63 -37.22 -24.49
C PHE C 178 -10.64 -38.74 -24.71
N LYS C 179 -9.49 -39.38 -24.45
CA LYS C 179 -9.40 -40.84 -24.45
C LYS C 179 -10.21 -41.39 -23.28
N LYS C 180 -11.10 -42.34 -23.59
CA LYS C 180 -12.12 -42.81 -22.66
C LYS C 180 -11.50 -43.67 -21.54
N SER C 181 -10.48 -44.46 -21.89
CA SER C 181 -9.80 -45.35 -20.91
C SER C 181 -9.27 -44.54 -19.71
N VAL C 182 -8.76 -43.33 -19.98
CA VAL C 182 -8.23 -42.47 -18.91
C VAL C 182 -9.38 -42.06 -17.96
N ILE C 183 -10.51 -41.66 -18.54
CA ILE C 183 -11.70 -41.28 -17.77
C ILE C 183 -12.19 -42.49 -16.96
N ASP C 184 -12.28 -43.67 -17.59
CA ASP C 184 -12.81 -44.89 -16.93
C ASP C 184 -11.87 -45.36 -15.81
N LYS C 185 -10.58 -45.48 -16.12
CA LYS C 185 -9.60 -46.05 -15.21
C LYS C 185 -9.51 -45.23 -13.92
N ASN C 186 -9.61 -43.90 -14.06
CA ASN C 186 -9.42 -42.94 -12.99
C ASN C 186 -10.76 -42.46 -12.41
N LYS C 187 -11.88 -43.00 -12.91
CA LYS C 187 -13.23 -42.68 -12.41
C LYS C 187 -13.47 -41.16 -12.45
N ILE C 188 -13.10 -40.52 -13.56
CA ILE C 188 -13.25 -39.07 -13.67
C ILE C 188 -14.70 -38.75 -14.02
N LYS C 189 -15.38 -38.04 -13.10
CA LYS C 189 -16.75 -37.64 -13.25
C LYS C 189 -16.81 -36.13 -13.09
N PHE C 190 -17.77 -35.51 -13.76
CA PHE C 190 -18.04 -34.09 -13.56
C PHE C 190 -18.63 -33.92 -12.16
N LYS C 191 -18.11 -32.94 -11.40
CA LYS C 191 -18.64 -32.68 -10.08
C LYS C 191 -19.93 -31.86 -10.22
N THR C 192 -20.85 -32.07 -9.28
CA THR C 192 -22.12 -31.37 -9.23
C THR C 192 -22.14 -30.39 -8.05
N PHE C 193 -20.94 -30.04 -7.53
CA PHE C 193 -20.76 -29.13 -6.38
C PHE C 193 -21.35 -27.76 -6.73
N SER C 194 -20.68 -27.04 -7.65
CA SER C 194 -20.99 -25.65 -7.95
C SER C 194 -21.38 -25.51 -9.42
N LYS C 195 -21.89 -24.33 -9.79
CA LYS C 195 -22.33 -24.08 -11.16
C LYS C 195 -21.24 -23.27 -11.89
N THR C 196 -20.04 -23.20 -11.29
CA THR C 196 -18.88 -22.56 -11.92
C THR C 196 -17.61 -23.40 -11.70
N ALA C 197 -16.78 -23.49 -12.75
CA ALA C 197 -15.42 -24.06 -12.71
C ALA C 197 -15.41 -25.60 -12.70
N GLU C 198 -16.57 -26.26 -12.75
CA GLU C 198 -16.64 -27.75 -12.79
C GLU C 198 -15.88 -28.30 -14.00
N ASP C 199 -15.99 -27.58 -15.12
CA ASP C 199 -15.39 -27.95 -16.39
C ASP C 199 -13.87 -27.86 -16.28
N GLN C 200 -13.36 -26.78 -15.68
CA GLN C 200 -11.92 -26.65 -15.36
C GLN C 200 -11.42 -27.89 -14.58
N LEU C 201 -12.18 -28.28 -13.55
CA LEU C 201 -11.78 -29.34 -12.66
C LEU C 201 -11.70 -30.65 -13.46
N PHE C 202 -12.69 -30.90 -14.32
CA PHE C 202 -12.69 -32.07 -15.16
C PHE C 202 -11.41 -32.13 -16.01
N THR C 203 -11.10 -31.04 -16.73
CA THR C 203 -9.94 -31.01 -17.63
C THR C 203 -8.63 -31.18 -16.85
N ILE C 204 -8.57 -30.57 -15.65
CA ILE C 204 -7.40 -30.64 -14.79
C ILE C 204 -7.22 -32.08 -14.29
N GLU C 205 -8.28 -32.68 -13.75
CA GLU C 205 -8.24 -34.09 -13.28
C GLU C 205 -7.72 -35.00 -14.41
N PHE C 206 -8.20 -34.76 -15.64
CA PHE C 206 -7.78 -35.53 -16.79
C PHE C 206 -6.30 -35.28 -17.09
N LEU C 207 -5.89 -34.00 -17.12
CA LEU C 207 -4.50 -33.59 -17.43
C LEU C 207 -3.51 -34.21 -16.42
N MET C 208 -3.94 -34.33 -15.15
CA MET C 208 -3.08 -34.77 -14.09
C MET C 208 -2.99 -36.31 -14.05
N ASN C 209 -3.80 -36.98 -14.88
CA ASN C 209 -3.84 -38.44 -14.94
C ASN C 209 -3.49 -38.96 -16.34
N SER C 210 -2.91 -38.10 -17.19
CA SER C 210 -2.57 -38.49 -18.54
C SER C 210 -1.29 -37.77 -18.92
N LYS C 211 -0.64 -38.19 -20.00
CA LYS C 211 0.70 -37.70 -20.35
C LYS C 211 0.71 -37.02 -21.73
N ASN C 212 -0.08 -37.53 -22.67
CA ASN C 212 0.07 -37.21 -24.07
C ASN C 212 -1.09 -36.30 -24.50
N TYR C 213 -0.77 -35.05 -24.84
CA TYR C 213 -1.79 -34.11 -25.33
C TYR C 213 -1.33 -33.55 -26.67
N SER C 214 -2.30 -33.37 -27.57
CA SER C 214 -2.04 -32.88 -28.90
C SER C 214 -2.91 -31.64 -29.19
N ILE C 215 -2.36 -30.74 -30.00
CA ILE C 215 -3.01 -29.50 -30.42
C ILE C 215 -3.02 -29.50 -31.96
N LYS C 216 -4.22 -29.34 -32.54
CA LYS C 216 -4.41 -29.37 -33.99
C LYS C 216 -5.06 -28.05 -34.42
N THR C 217 -4.50 -27.39 -35.44
CA THR C 217 -4.86 -26.00 -35.73
C THR C 217 -5.11 -25.76 -37.24
N ASP C 218 -5.29 -26.83 -38.03
CA ASP C 218 -5.44 -26.68 -39.48
C ASP C 218 -6.72 -25.90 -39.80
N TYR C 219 -7.80 -26.18 -39.05
CA TYR C 219 -9.08 -25.52 -39.22
C TYR C 219 -9.61 -25.03 -37.86
N GLU C 220 -10.59 -24.13 -37.91
CA GLU C 220 -11.37 -23.83 -36.75
C GLU C 220 -12.36 -25.00 -36.57
N TYR C 221 -11.92 -26.01 -35.83
CA TYR C 221 -12.59 -27.29 -35.75
C TYR C 221 -13.88 -27.25 -34.91
N TYR C 222 -13.93 -26.32 -33.93
CA TYR C 222 -15.05 -26.17 -32.99
C TYR C 222 -15.43 -24.67 -32.90
N ILE C 223 -16.67 -24.35 -33.30
CA ILE C 223 -17.17 -22.96 -33.32
C ILE C 223 -18.02 -22.70 -32.06
N VAL C 224 -17.53 -21.79 -31.19
CA VAL C 224 -18.19 -21.37 -29.97
C VAL C 224 -19.25 -20.33 -30.37
N VAL C 225 -20.52 -20.63 -30.08
CA VAL C 225 -21.60 -19.72 -30.42
C VAL C 225 -21.94 -18.89 -29.16
N ASN C 226 -21.88 -17.56 -29.29
CA ASN C 226 -22.09 -16.62 -28.18
C ASN C 226 -23.55 -16.14 -28.17
N SER C 239 -22.70 -14.40 -5.85
CA SER C 239 -22.10 -15.55 -5.20
C SER C 239 -21.44 -15.16 -3.87
N THR C 240 -21.53 -16.07 -2.89
CA THR C 240 -20.74 -16.04 -1.63
C THR C 240 -19.32 -16.51 -1.91
N GLY C 241 -19.18 -17.36 -2.95
CA GLY C 241 -17.96 -17.98 -3.34
C GLY C 241 -17.76 -19.34 -2.70
N ASN C 242 -18.80 -19.84 -2.00
CA ASN C 242 -18.70 -21.04 -1.19
C ASN C 242 -18.40 -22.24 -2.10
N GLN C 243 -19.34 -22.50 -3.02
CA GLN C 243 -19.27 -23.61 -3.95
C GLN C 243 -18.11 -23.40 -4.92
N TYR C 244 -17.95 -22.17 -5.40
CA TYR C 244 -16.90 -21.86 -6.38
C TYR C 244 -15.51 -22.15 -5.79
N PHE C 245 -15.22 -21.65 -4.59
CA PHE C 245 -13.88 -21.83 -4.01
C PHE C 245 -13.66 -23.29 -3.59
N ALA C 246 -14.74 -24.04 -3.32
CA ALA C 246 -14.69 -25.49 -3.05
C ALA C 246 -14.19 -26.25 -4.28
N THR C 247 -14.62 -25.81 -5.45
CA THR C 247 -14.20 -26.36 -6.74
C THR C 247 -12.72 -26.04 -7.00
N ILE C 248 -12.31 -24.78 -6.79
CA ILE C 248 -10.90 -24.36 -6.94
C ILE C 248 -10.00 -25.23 -6.05
N ASN C 249 -10.44 -25.48 -4.82
CA ASN C 249 -9.72 -26.29 -3.88
C ASN C 249 -9.45 -27.67 -4.52
N GLU C 250 -10.47 -28.22 -5.21
CA GLU C 250 -10.43 -29.53 -5.84
C GLU C 250 -9.38 -29.53 -6.96
N ILE C 251 -9.22 -28.40 -7.64
CA ILE C 251 -8.21 -28.27 -8.70
C ILE C 251 -6.81 -28.43 -8.10
N TYR C 252 -6.54 -27.71 -7.01
CA TYR C 252 -5.23 -27.73 -6.37
C TYR C 252 -4.91 -29.13 -5.85
N LYS C 253 -5.92 -29.80 -5.28
CA LYS C 253 -5.82 -31.18 -4.79
C LYS C 253 -5.48 -32.13 -5.94
N ALA C 254 -6.17 -32.00 -7.08
CA ALA C 254 -5.91 -32.79 -8.29
C ALA C 254 -4.42 -32.64 -8.65
N ILE C 255 -3.92 -31.39 -8.60
CA ILE C 255 -2.53 -31.17 -8.97
C ILE C 255 -1.60 -31.88 -7.97
N TYR C 256 -1.88 -31.76 -6.67
CA TYR C 256 -0.92 -32.21 -5.66
C TYR C 256 -0.96 -33.71 -5.45
N LYS C 257 -1.99 -34.40 -5.96
CA LYS C 257 -2.04 -35.86 -5.88
C LYS C 257 -1.88 -36.50 -7.27
N SER C 258 -1.35 -35.75 -8.25
CA SER C 258 -1.17 -36.24 -9.65
C SER C 258 -0.23 -37.45 -9.72
N PRO C 259 -0.65 -38.62 -10.26
CA PRO C 259 0.28 -39.72 -10.50
C PRO C 259 1.29 -39.52 -11.65
N ILE C 260 1.04 -38.53 -12.53
CA ILE C 260 1.91 -38.25 -13.67
C ILE C 260 2.98 -37.27 -13.23
N TYR C 261 2.56 -36.09 -12.76
CA TYR C 261 3.47 -35.09 -12.28
C TYR C 261 3.68 -35.36 -10.79
N LYS C 262 4.62 -36.26 -10.52
CA LYS C 262 4.73 -36.90 -9.21
C LYS C 262 5.78 -36.17 -8.37
N ASN C 263 6.65 -35.41 -9.04
CA ASN C 263 7.71 -34.66 -8.38
C ASN C 263 7.08 -33.46 -7.63
N GLN C 264 7.54 -33.23 -6.40
CA GLN C 264 6.88 -32.27 -5.54
C GLN C 264 7.11 -30.84 -6.06
N GLU C 265 8.32 -30.54 -6.53
CA GLU C 265 8.63 -29.20 -7.03
C GLU C 265 7.84 -28.92 -8.31
N LYS C 266 7.68 -29.96 -9.14
CA LYS C 266 6.85 -29.89 -10.36
C LYS C 266 5.38 -29.60 -10.00
N ARG C 267 4.88 -30.19 -8.90
CA ARG C 267 3.50 -29.90 -8.43
C ARG C 267 3.37 -28.45 -7.95
N HIS C 268 4.39 -27.94 -7.24
CA HIS C 268 4.47 -26.52 -6.84
C HIS C 268 4.45 -25.61 -8.08
N GLN C 269 5.18 -26.01 -9.13
CA GLN C 269 5.24 -25.22 -10.35
C GLN C 269 3.85 -25.14 -11.00
N LEU C 270 3.21 -26.30 -11.19
CA LEU C 270 1.91 -26.34 -11.81
C LEU C 270 0.90 -25.51 -11.00
N ALA C 271 0.93 -25.65 -9.67
CA ALA C 271 0.00 -24.95 -8.79
C ALA C 271 0.19 -23.44 -8.91
N GLY C 272 1.45 -22.98 -8.95
CA GLY C 272 1.79 -21.57 -9.13
C GLY C 272 1.27 -21.04 -10.46
N LYS C 273 1.46 -21.82 -11.51
CA LYS C 273 0.98 -21.44 -12.82
C LYS C 273 -0.56 -21.36 -12.80
N TYR C 274 -1.22 -22.25 -12.06
CA TYR C 274 -2.69 -22.18 -11.98
C TYR C 274 -3.11 -20.92 -11.20
N THR C 275 -2.44 -20.66 -10.08
CA THR C 275 -2.69 -19.48 -9.29
C THR C 275 -2.61 -18.23 -10.18
N THR C 276 -1.61 -18.17 -11.05
CA THR C 276 -1.46 -17.07 -11.99
C THR C 276 -2.72 -16.98 -12.88
N ARG C 277 -3.12 -18.11 -13.46
CA ARG C 277 -4.32 -18.16 -14.33
C ARG C 277 -5.53 -17.67 -13.51
N LEU C 278 -5.61 -18.08 -12.25
CA LEU C 278 -6.73 -17.72 -11.36
C LEU C 278 -6.78 -16.18 -11.13
N LEU C 279 -5.62 -15.57 -10.85
CA LEU C 279 -5.54 -14.13 -10.64
C LEU C 279 -5.80 -13.39 -11.95
N ARG C 280 -5.45 -14.01 -13.09
CA ARG C 280 -5.61 -13.36 -14.40
C ARG C 280 -7.06 -13.42 -14.92
N HIS C 281 -7.78 -14.53 -14.70
CA HIS C 281 -9.07 -14.76 -15.38
C HIS C 281 -10.15 -15.25 -14.42
N GLY C 282 -9.88 -15.32 -13.12
CA GLY C 282 -10.80 -15.87 -12.14
C GLY C 282 -12.10 -15.08 -12.06
N GLN C 283 -13.14 -15.71 -11.52
CA GLN C 283 -14.42 -15.06 -11.20
C GLN C 283 -14.19 -13.89 -10.23
N LYS C 284 -14.83 -12.75 -10.55
CA LYS C 284 -14.78 -11.52 -9.74
C LYS C 284 -13.35 -11.18 -9.32
N LYS C 285 -12.41 -11.25 -10.29
CA LYS C 285 -11.00 -11.15 -9.96
C LYS C 285 -10.70 -9.76 -9.38
N ASN C 286 -11.47 -8.75 -9.79
CA ASN C 286 -11.33 -7.37 -9.30
C ASN C 286 -12.49 -7.01 -8.35
N PHE C 287 -12.88 -7.96 -7.50
CA PHE C 287 -13.97 -7.74 -6.55
C PHE C 287 -13.63 -6.61 -5.56
N ALA C 288 -12.35 -6.43 -5.22
CA ALA C 288 -11.97 -5.63 -4.04
C ALA C 288 -12.40 -4.16 -4.16
N ASN C 289 -12.26 -3.56 -5.35
CA ASN C 289 -12.56 -2.13 -5.54
C ASN C 289 -13.94 -1.94 -6.21
N SER C 290 -14.74 -3.02 -6.25
CA SER C 290 -16.00 -3.09 -7.01
C SER C 290 -17.13 -2.45 -6.20
N LYS C 291 -18.31 -2.39 -6.82
CA LYS C 291 -19.52 -1.90 -6.17
C LYS C 291 -20.19 -2.99 -5.32
N MET C 292 -19.52 -4.12 -5.11
CA MET C 292 -19.96 -5.18 -4.20
C MET C 292 -20.10 -4.58 -2.79
N LYS C 293 -21.18 -4.95 -2.09
CA LYS C 293 -21.38 -4.64 -0.69
C LYS C 293 -20.15 -5.08 0.12
N TYR C 294 -19.77 -4.28 1.11
CA TYR C 294 -18.62 -4.55 1.96
C TYR C 294 -18.70 -5.96 2.57
N GLU C 295 -19.85 -6.28 3.18
CA GLU C 295 -20.06 -7.58 3.79
C GLU C 295 -19.82 -8.73 2.80
N ASP C 296 -20.26 -8.58 1.54
CA ASP C 296 -20.07 -9.61 0.52
C ASP C 296 -18.58 -9.72 0.12
N LYS C 297 -17.88 -8.58 0.07
CA LYS C 297 -16.46 -8.57 -0.19
C LYS C 297 -15.72 -9.38 0.87
N ILE C 298 -16.10 -9.18 2.14
CA ILE C 298 -15.44 -9.86 3.25
C ILE C 298 -15.69 -11.37 3.12
N GLU C 299 -16.91 -11.78 2.78
CA GLU C 299 -17.19 -13.20 2.74
C GLU C 299 -16.45 -13.82 1.56
N TRP C 300 -16.52 -13.17 0.38
CA TRP C 300 -15.82 -13.61 -0.80
C TRP C 300 -14.33 -13.83 -0.49
N LEU C 301 -13.66 -12.82 0.06
CA LEU C 301 -12.25 -12.87 0.32
C LEU C 301 -11.94 -13.95 1.37
N ASN C 302 -12.80 -14.11 2.37
CA ASN C 302 -12.64 -15.16 3.39
C ASN C 302 -12.56 -16.56 2.76
N ASN C 303 -13.44 -16.81 1.78
CA ASN C 303 -13.47 -18.06 1.02
C ASN C 303 -12.22 -18.21 0.15
N PHE C 304 -11.83 -17.13 -0.56
CA PHE C 304 -10.65 -17.15 -1.43
C PHE C 304 -9.42 -17.44 -0.56
N SER C 305 -9.34 -16.77 0.59
CA SER C 305 -8.23 -16.85 1.50
C SER C 305 -8.10 -18.28 2.03
N LYS C 306 -9.20 -18.83 2.54
CA LYS C 306 -9.22 -20.20 3.09
C LYS C 306 -8.69 -21.20 2.06
N THR C 307 -9.09 -21.03 0.80
CA THR C 307 -8.76 -21.97 -0.27
C THR C 307 -7.27 -21.87 -0.63
N ILE C 308 -6.78 -20.64 -0.83
CA ILE C 308 -5.40 -20.41 -1.25
C ILE C 308 -4.45 -20.86 -0.12
N ASN C 309 -4.90 -20.75 1.16
CA ASN C 309 -4.03 -21.10 2.29
C ASN C 309 -3.96 -22.62 2.51
N LYS C 310 -4.69 -23.38 1.69
CA LYS C 310 -4.49 -24.83 1.63
C LYS C 310 -3.42 -25.17 0.58
N VAL C 311 -2.99 -24.18 -0.19
CA VAL C 311 -2.00 -24.38 -1.21
C VAL C 311 -0.63 -24.04 -0.61
N PRO C 312 0.34 -24.98 -0.66
CA PRO C 312 1.70 -24.69 -0.19
C PRO C 312 2.28 -23.37 -0.72
N ARG C 313 2.94 -22.62 0.17
CA ARG C 313 3.57 -21.36 -0.18
C ARG C 313 4.71 -21.60 -1.19
N ASP C 314 5.24 -22.83 -1.23
CA ASP C 314 6.31 -23.20 -2.14
C ASP C 314 5.91 -22.99 -3.61
N SER C 315 4.60 -22.93 -3.89
CA SER C 315 4.06 -22.67 -5.24
C SER C 315 4.14 -21.18 -5.60
N ASP C 316 4.18 -20.31 -4.60
CA ASP C 316 4.04 -18.88 -4.80
C ASP C 316 5.16 -18.28 -5.67
N LYS C 317 6.37 -18.81 -5.57
CA LYS C 317 7.51 -18.29 -6.33
C LYS C 317 7.33 -18.52 -7.84
N TYR C 318 6.40 -19.41 -8.23
CA TYR C 318 6.13 -19.67 -9.63
C TYR C 318 5.04 -18.75 -10.19
N VAL C 319 4.46 -17.90 -9.33
CA VAL C 319 3.43 -16.96 -9.77
C VAL C 319 4.12 -15.77 -10.42
N THR C 320 3.55 -15.26 -11.53
CA THR C 320 4.11 -14.07 -12.17
C THR C 320 4.25 -12.98 -11.09
N GLN C 321 5.45 -12.38 -11.02
CA GLN C 321 5.84 -11.56 -9.87
C GLN C 321 4.96 -10.31 -9.69
N ILE C 322 4.41 -9.75 -10.77
CA ILE C 322 3.50 -8.59 -10.64
C ILE C 322 2.37 -8.88 -9.65
N PHE C 323 1.99 -10.15 -9.45
CA PHE C 323 0.87 -10.49 -8.57
C PHE C 323 1.32 -10.77 -7.14
N ASN C 324 2.61 -10.59 -6.84
CA ASN C 324 3.15 -11.05 -5.56
C ASN C 324 2.34 -10.43 -4.41
N LEU C 325 2.07 -9.13 -4.49
CA LEU C 325 1.39 -8.42 -3.39
C LEU C 325 -0.08 -8.86 -3.28
N LYS C 326 -0.77 -8.95 -4.43
CA LYS C 326 -2.17 -9.34 -4.42
C LYS C 326 -2.33 -10.74 -3.79
N LEU C 327 -1.41 -11.64 -4.13
CA LEU C 327 -1.48 -13.01 -3.64
C LEU C 327 -1.26 -13.02 -2.12
N GLU C 328 -0.24 -12.29 -1.65
CA GLU C 328 0.02 -12.25 -0.21
C GLU C 328 -1.21 -11.66 0.52
N ALA C 329 -1.77 -10.60 -0.05
CA ALA C 329 -2.92 -9.92 0.58
C ALA C 329 -4.10 -10.89 0.73
N ILE C 330 -4.34 -11.73 -0.29
CA ILE C 330 -5.38 -12.78 -0.22
C ILE C 330 -5.00 -13.81 0.85
N ARG C 331 -3.73 -14.25 0.87
CA ARG C 331 -3.29 -15.18 1.93
C ARG C 331 -3.58 -14.59 3.31
N GLN C 332 -3.39 -13.28 3.47
CA GLN C 332 -3.50 -12.59 4.75
C GLN C 332 -4.98 -12.23 5.03
N ASN C 333 -5.84 -12.35 4.04
CA ASN C 333 -7.28 -12.14 4.22
C ASN C 333 -7.48 -10.68 4.64
N ASP C 334 -6.85 -9.78 3.88
CA ASP C 334 -6.77 -8.38 4.17
C ASP C 334 -7.36 -7.57 3.02
N LEU C 335 -8.63 -7.14 3.16
CA LEU C 335 -9.34 -6.51 2.05
C LEU C 335 -8.62 -5.22 1.63
N LEU C 336 -8.12 -4.45 2.60
CA LEU C 336 -7.46 -3.14 2.28
C LEU C 336 -6.24 -3.42 1.39
N ALA C 337 -5.48 -4.45 1.74
CA ALA C 337 -4.26 -4.84 0.98
C ALA C 337 -4.62 -5.31 -0.43
N VAL C 338 -5.74 -6.01 -0.59
CA VAL C 338 -6.18 -6.43 -1.93
C VAL C 338 -6.60 -5.20 -2.74
N MET C 339 -7.39 -4.30 -2.11
CA MET C 339 -7.77 -3.05 -2.75
C MET C 339 -6.52 -2.30 -3.25
N ILE C 340 -5.51 -2.20 -2.39
CA ILE C 340 -4.28 -1.50 -2.74
C ILE C 340 -3.57 -2.23 -3.90
N ALA C 341 -3.47 -3.54 -3.81
CA ALA C 341 -2.76 -4.33 -4.84
C ALA C 341 -3.40 -4.05 -6.22
N ASP C 342 -4.74 -3.98 -6.26
CA ASP C 342 -5.46 -3.79 -7.52
C ASP C 342 -5.23 -2.37 -8.06
N LYS C 343 -5.11 -1.36 -7.19
CA LYS C 343 -4.82 0.01 -7.63
C LYS C 343 -3.43 0.11 -8.25
N LEU C 344 -2.49 -0.74 -7.80
CA LEU C 344 -1.10 -0.71 -8.27
C LEU C 344 -0.93 -1.56 -9.54
N LEU C 345 -1.84 -2.51 -9.81
CA LEU C 345 -1.79 -3.35 -11.03
C LEU C 345 -2.27 -2.59 -12.26
C1' UD1 D . -13.26 32.20 9.22
C2' UD1 D . -13.98 31.72 7.97
C3' UD1 D . -15.36 32.35 7.87
C4' UD1 D . -16.14 32.18 9.18
C5' UD1 D . -15.30 32.58 10.39
C6' UD1 D . -16.00 32.26 11.70
C7' UD1 D . -12.70 31.06 5.97
C8' UD1 D . -11.94 31.53 4.77
N2' UD1 D . -13.20 32.01 6.77
O1' UD1 D . -13.08 33.62 9.12
O3' UD1 D . -16.07 31.75 6.79
O4' UD1 D . -17.34 32.98 9.16
O5' UD1 D . -14.03 31.91 10.37
O6' UD1 D . -16.00 30.85 11.90
O7' UD1 D . -12.86 29.87 6.20
N1 UD1 D . -14.23 36.76 16.37
C2 UD1 D . -14.84 36.63 17.64
N3 UD1 D . -14.12 36.26 18.72
C4 UD1 D . -12.80 36.05 18.60
C5 UD1 D . -12.17 36.17 17.36
C6 UD1 D . -12.92 36.52 16.24
O2 UD1 D . -16.07 36.83 17.79
O4 UD1 D . -12.14 35.72 19.62
C1B UD1 D . -15.06 37.14 15.21
C2B UD1 D . -14.43 38.17 14.29
O2' UD1 D . -14.60 39.49 14.79
C3B UD1 D . -15.20 37.91 13.01
C4B UD1 D . -15.44 36.41 13.02
O4B UD1 D . -15.32 36.01 14.39
O3B UD1 D . -16.48 38.58 13.02
C5B UD1 D . -14.45 35.66 12.15
O5B UD1 D . -13.18 36.27 12.28
PA UD1 D . -12.26 36.51 11.00
O1A UD1 D . -11.01 37.27 11.40
O2A UD1 D . -13.10 37.04 9.84
O3A UD1 D . -11.85 34.97 10.76
PB UD1 D . -11.64 34.29 9.32
O1B UD1 D . -11.46 35.39 8.28
O2B UD1 D . -10.60 33.19 9.43
MG MG E . -12.37 37.53 7.84
MG MG F . -2.45 -2.45 5.04
CL CL G . -14.22 20.45 8.07
CL CL H . 6.18 10.70 16.23
CL CL I . -17.99 24.79 2.91
CL CL J . -10.50 19.02 17.96
C1' UD1 K . 34.79 -7.22 5.02
C2' UD1 K . 34.62 -5.70 5.05
C3' UD1 K . 35.79 -5.08 5.81
C4' UD1 K . 35.88 -5.70 7.20
C5' UD1 K . 35.90 -7.24 7.11
C6' UD1 K . 35.87 -7.90 8.48
C7' UD1 K . 33.37 -4.87 3.09
C8' UD1 K . 33.46 -4.19 1.74
N2' UD1 K . 34.54 -5.10 3.72
O1' UD1 K . 36.05 -7.50 4.42
O3' UD1 K . 35.59 -3.65 5.87
O4' UD1 K . 37.04 -5.20 7.89
O5' UD1 K . 34.78 -7.73 6.35
O6' UD1 K . 34.69 -7.52 9.15
O7' UD1 K . 32.29 -5.20 3.56
N1 UD1 K . 39.70 -13.46 9.17
C2 UD1 K . 39.97 -14.09 10.38
N3 UD1 K . 39.43 -15.29 10.66
C4 UD1 K . 38.63 -15.90 9.77
C5 UD1 K . 38.36 -15.29 8.56
C6 UD1 K . 38.90 -14.05 8.28
O2 UD1 K . 40.70 -13.51 11.22
O4 UD1 K . 38.14 -17.02 10.02
C1B UD1 K . 40.31 -12.16 8.91
C2B UD1 K . 41.02 -12.05 7.55
O2' UD1 K . 42.33 -12.63 7.59
C3B UD1 K . 41.03 -10.53 7.40
C4B UD1 K . 39.75 -10.08 8.10
O4B UD1 K . 39.34 -11.11 8.97
O3B UD1 K . 42.14 -9.92 8.06
C5B UD1 K . 38.63 -9.81 7.12
O5B UD1 K . 38.60 -10.82 6.12
PA UD1 K . 38.44 -10.38 4.61
O1A UD1 K . 38.41 -11.62 3.75
O2A UD1 K . 39.41 -9.25 4.30
O3A UD1 K . 36.94 -9.79 4.66
PB UD1 K . 36.34 -8.81 3.53
O1B UD1 K . 37.34 -8.34 2.51
O2B UD1 K . 35.02 -9.40 3.11
MG MG L . 60.24 3.72 7.77
MG MG M . 39.49 -7.83 2.71
CL CL N . 27.04 15.11 14.44
CL CL O . 60.49 -9.29 1.70
CL CL P . 65.79 -9.35 14.03
CL CL Q . 37.82 -12.12 22.06
CL CL R . 34.58 2.64 5.90
CL CL S . 26.93 2.62 4.58
CL CL T . 24.14 -2.82 7.58
CL CL U . 24.10 11.26 8.37
CL CL V . 8.12 -5.28 -6.37
CL CL W . 6.89 4.26 0.38
CL CL X . 27.88 4.73 24.62
CL CL Y . 32.05 -3.47 19.57
CL CL Z . 39.54 21.45 8.60
C1 GOL AA . 16.24 3.43 24.28
O1 GOL AA . 17.02 4.56 24.69
C2 GOL AA . 17.14 2.27 23.81
O2 GOL AA . 18.19 2.06 24.75
C3 GOL AA . 17.74 2.54 22.43
O3 GOL AA . 17.50 1.43 21.56
C1 GOL BA . 1.63 -10.95 8.87
O1 GOL BA . 0.52 -11.20 9.74
C2 GOL BA . 1.68 -9.47 8.50
O2 GOL BA . 3.05 -9.05 8.51
C3 GOL BA . 1.06 -9.27 7.11
O3 GOL BA . 1.24 -7.93 6.62
C1' UD1 CA . -20.33 -22.17 -20.71
C2' UD1 CA . -18.87 -22.16 -21.15
C3' UD1 CA . -18.58 -23.46 -21.91
C4' UD1 CA . -18.95 -24.66 -21.05
C5' UD1 CA . -20.36 -24.54 -20.46
C6' UD1 CA . -20.69 -25.66 -19.47
C7' UD1 CA . -17.55 -20.17 -21.78
C8' UD1 CA . -17.31 -19.14 -22.85
N2' UD1 CA . -18.55 -21.04 -22.02
O1' UD1 CA . -21.11 -22.38 -21.88
O3' UD1 CA . -17.19 -23.47 -22.29
O4' UD1 CA . -18.89 -25.84 -21.87
O5' UD1 CA . -20.54 -23.26 -19.81
O6' UD1 CA . -20.11 -25.41 -18.20
O7' UD1 CA . -16.87 -20.20 -20.77
N1 UD1 CA . -27.33 -27.56 -20.04
C2 UD1 CA . -27.84 -28.67 -19.35
N3 UD1 CA . -28.69 -28.52 -18.32
C4 UD1 CA . -29.08 -27.31 -17.93
C5 UD1 CA . -28.59 -26.18 -18.59
C6 UD1 CA . -27.70 -26.33 -19.65
O2 UD1 CA . -27.52 -29.83 -19.67
O4 UD1 CA . -29.89 -27.23 -16.98
C1B UD1 CA . -26.39 -27.81 -21.14
C2B UD1 CA . -26.69 -27.03 -22.41
O2' UD1 CA . -27.70 -27.67 -23.17
C3B UD1 CA . -25.33 -27.01 -23.09
C4B UD1 CA . -24.32 -27.05 -21.94
O4B UD1 CA . -25.06 -27.43 -20.77
O3B UD1 CA . -25.15 -28.18 -23.89
C5B UD1 CA . -23.64 -25.71 -21.70
O5B UD1 CA . -24.62 -24.68 -21.66
PA UD1 CA . -24.49 -23.36 -22.58
O1A UD1 CA . -25.85 -22.70 -22.60
O2A UD1 CA . -23.83 -23.69 -23.90
O3A UD1 CA . -23.52 -22.50 -21.65
PB UD1 CA . -22.40 -21.51 -22.26
O1B UD1 CA . -22.42 -20.23 -21.46
O2B UD1 CA . -22.49 -21.45 -23.76
MG MG DA . -22.71 -22.62 -25.45
CL CL EA . -12.40 -19.18 -12.73
CL CL FA . 1.09 -21.24 -17.58
CL CL GA . 7.02 -34.88 -12.27
#